data_3L4I
#
_entry.id   3L4I
#
_cell.length_a   85.977
_cell.length_b   115.324
_cell.length_c   182.314
_cell.angle_alpha   90.000
_cell.angle_beta   90.000
_cell.angle_gamma   90.000
#
_symmetry.space_group_name_H-M   'C 2 2 21'
#
loop_
_entity.id
_entity.type
_entity.pdbx_description
1 polymer 'Heat shock 70 (HSP70) protein'
2 non-polymer "ADENOSINE-5'-DIPHOSPHATE"
3 non-polymer 'PHOSPHATE ION'
4 non-polymer 1,2-ETHANEDIOL
5 non-polymer 'CHLORIDE ION'
6 water water
#
_entity_poly.entity_id   1
_entity_poly.type   'polypeptide(L)'
_entity_poly.pdbx_seq_one_letter_code
;MHHHHHHSSGRENLYFQGGPAIGIDLGTTYSCVGVWRNDTVDIVPNDQGNRTTPSYVAFTETERLIGDAAKNQVARNPEN
TVFDAKRLIGRKFDDQAVQSDMTHWPFKVVRGPKDKPIISVNYLGEKKEFHAEEISAMVLQKMKEISEAYLGRQIKNAVV
TVPAYFNDSQRQATKDAGAIAGLNVMRIINEPTAAAIAYGLDKKGTGERNVLIFDLGGGTFDVSLLTIEDGIFEVKATAG
DTHLGGEDFDNRLVEFCVQDFKRKNRGMDLTTNARALRRLRTQCERAKRTLSSSTQATIELDSLYEGIDYSVAISRARFE
ELCADYFRATLAPVEKVLKDAGMDKRSVHDVVLVGGSTRIPKVQALIQEFFNGKEPCKAINPDEAVAYGAAVQAAILNGE
;
_entity_poly.pdbx_strand_id   A,B
#
loop_
_chem_comp.id
_chem_comp.type
_chem_comp.name
_chem_comp.formula
ADP non-polymer ADENOSINE-5'-DIPHOSPHATE 'C10 H15 N5 O10 P2'
CL non-polymer 'CHLORIDE ION' 'Cl -1'
EDO non-polymer 1,2-ETHANEDIOL 'C2 H6 O2'
PO4 non-polymer 'PHOSPHATE ION' 'O4 P -3'
#
# COMPACT_ATOMS: atom_id res chain seq x y z
N GLY A 19 37.46 7.29 14.71
CA GLY A 19 36.66 7.41 13.45
C GLY A 19 35.24 7.86 13.75
N PRO A 20 34.31 7.64 12.83
CA PRO A 20 32.92 8.06 12.99
C PRO A 20 32.22 7.18 14.03
N ALA A 21 31.16 7.70 14.66
CA ALA A 21 30.41 6.94 15.64
C ALA A 21 28.94 6.91 15.25
N ILE A 22 28.25 5.85 15.63
CA ILE A 22 26.84 5.68 15.28
C ILE A 22 26.00 5.40 16.51
N GLY A 23 24.71 5.67 16.39
CA GLY A 23 23.71 5.30 17.40
C GLY A 23 22.79 4.19 16.93
N ILE A 24 22.67 3.13 17.70
CA ILE A 24 21.80 2.02 17.33
C ILE A 24 20.69 1.79 18.36
N ASP A 25 19.45 1.91 17.89
CA ASP A 25 18.27 1.35 18.55
C ASP A 25 18.15 -0.16 18.21
N LEU A 26 18.49 -1.00 19.19
CA LEU A 26 18.39 -2.44 19.12
C LEU A 26 17.02 -2.82 19.69
N GLY A 27 16.02 -2.86 18.81
CA GLY A 27 14.64 -3.02 19.25
C GLY A 27 14.19 -4.47 19.35
N THR A 28 13.08 -4.68 20.04
CA THR A 28 12.55 -6.00 20.22
C THR A 28 12.13 -6.61 18.89
N THR A 29 11.44 -5.83 18.07
CA THR A 29 10.96 -6.32 16.77
C THR A 29 11.67 -5.67 15.59
N TYR A 30 12.04 -4.40 15.71
CA TYR A 30 12.81 -3.68 14.70
C TYR A 30 14.01 -2.94 15.28
N SER A 31 15.08 -2.82 14.49
CA SER A 31 16.23 -2.02 14.83
C SER A 31 16.49 -0.91 13.82
N CYS A 32 17.22 0.09 14.27
CA CYS A 32 17.37 1.35 13.55
C CYS A 32 18.73 1.93 13.89
N VAL A 33 19.39 2.54 12.91
CA VAL A 33 20.70 3.12 13.10
C VAL A 33 20.82 4.54 12.53
N GLY A 34 21.43 5.41 13.33
CA GLY A 34 21.70 6.79 12.98
C GLY A 34 23.20 7.04 12.89
N VAL A 35 23.56 7.88 11.94
CA VAL A 35 24.94 8.26 11.68
C VAL A 35 25.03 9.77 11.53
N TRP A 36 26.25 10.27 11.45
CA TRP A 36 26.52 11.71 11.46
C TRP A 36 27.15 12.03 10.12
N ARG A 37 26.43 12.76 9.27
CA ARG A 37 26.98 13.23 7.98
C ARG A 37 26.72 14.70 7.89
N ASN A 38 27.70 15.46 7.42
CA ASN A 38 27.58 16.90 7.27
C ASN A 38 27.14 17.60 8.56
N ASP A 39 27.64 17.14 9.70
CA ASP A 39 27.31 17.73 11.01
C ASP A 39 25.83 17.70 11.41
N THR A 40 25.08 16.70 10.91
N THR A 40 25.09 16.71 10.90
CA THR A 40 23.74 16.43 11.44
CA THR A 40 23.71 16.44 11.33
C THR A 40 23.51 14.91 11.46
C THR A 40 23.47 14.92 11.36
N VAL A 41 22.32 14.48 11.85
CA VAL A 41 22.03 13.06 11.99
C VAL A 41 21.25 12.58 10.79
N ASP A 42 21.74 11.49 10.22
CA ASP A 42 21.07 10.78 9.13
C ASP A 42 20.63 9.43 9.66
N ILE A 43 19.38 9.04 9.41
CA ILE A 43 18.92 7.68 9.75
C ILE A 43 19.08 6.80 8.50
N VAL A 44 19.71 5.66 8.66
CA VAL A 44 20.17 4.86 7.52
C VAL A 44 19.09 3.90 6.97
N PRO A 45 18.74 4.05 5.69
CA PRO A 45 17.88 3.06 5.00
C PRO A 45 18.57 1.73 4.80
N ASN A 46 17.82 0.64 4.95
CA ASN A 46 18.34 -0.70 4.61
C ASN A 46 18.14 -0.95 3.10
N ASP A 47 18.41 -2.17 2.61
CA ASP A 47 18.34 -2.41 1.14
C ASP A 47 16.90 -2.45 0.62
N GLN A 48 15.92 -2.52 1.51
CA GLN A 48 14.51 -2.39 1.12
C GLN A 48 14.03 -0.94 1.10
N GLY A 49 14.96 0.01 1.28
CA GLY A 49 14.61 1.40 1.48
C GLY A 49 13.94 1.72 2.83
N ASN A 50 13.91 0.79 3.78
CA ASN A 50 13.28 1.05 5.08
C ASN A 50 14.35 1.45 6.09
N ARG A 51 13.95 2.27 7.05
CA ARG A 51 14.85 2.77 8.08
C ARG A 51 14.82 1.98 9.37
N THR A 52 13.94 0.98 9.37
CA THR A 52 13.88 0.00 10.41
C THR A 52 14.07 -1.40 9.82
N THR A 53 14.84 -2.24 10.48
CA THR A 53 15.16 -3.59 10.07
C THR A 53 14.67 -4.57 11.13
N PRO A 54 13.84 -5.56 10.75
CA PRO A 54 13.36 -6.53 11.72
C PRO A 54 14.48 -7.18 12.51
N SER A 55 14.25 -7.36 13.80
CA SER A 55 15.22 -7.98 14.68
C SER A 55 15.10 -9.50 14.60
N TYR A 56 15.35 -10.02 13.39
CA TYR A 56 15.16 -11.44 13.00
C TYR A 56 16.42 -12.01 12.41
N VAL A 57 16.70 -13.24 12.76
CA VAL A 57 17.81 -14.00 12.18
C VAL A 57 17.28 -15.38 11.88
N ALA A 58 17.79 -15.98 10.82
CA ALA A 58 17.40 -17.34 10.46
C ALA A 58 18.61 -18.11 9.96
N PHE A 59 18.62 -19.41 10.21
CA PHE A 59 19.71 -20.29 9.81
C PHE A 59 19.15 -21.40 8.91
N THR A 60 19.84 -21.71 7.83
CA THR A 60 19.42 -22.78 6.94
C THR A 60 20.60 -23.71 6.76
N GLU A 61 20.48 -24.62 5.79
CA GLU A 61 21.54 -25.58 5.53
C GLU A 61 22.72 -24.90 4.84
N THR A 62 22.47 -23.79 4.16
CA THR A 62 23.51 -23.13 3.35
C THR A 62 23.79 -21.66 3.67
N GLU A 63 22.90 -21.02 4.44
CA GLU A 63 23.06 -19.59 4.71
C GLU A 63 22.53 -19.14 6.06
N ARG A 64 22.83 -17.89 6.45
CA ARG A 64 22.07 -17.24 7.51
C ARG A 64 21.52 -15.95 6.97
N LEU A 65 20.34 -15.62 7.44
CA LEU A 65 19.58 -14.46 6.96
C LEU A 65 19.36 -13.53 8.16
N ILE A 66 19.39 -12.23 7.92
CA ILE A 66 19.10 -11.20 8.93
C ILE A 66 18.06 -10.21 8.40
N GLY A 67 17.16 -9.76 9.27
CA GLY A 67 16.19 -8.73 8.90
C GLY A 67 15.06 -9.28 8.08
N ASP A 68 14.71 -8.57 7.03
CA ASP A 68 13.53 -8.88 6.24
C ASP A 68 13.56 -10.27 5.62
N ALA A 69 14.68 -10.62 5.03
CA ALA A 69 14.86 -11.95 4.45
C ALA A 69 14.61 -13.05 5.50
N ALA A 70 15.08 -12.85 6.73
CA ALA A 70 14.86 -13.81 7.81
C ALA A 70 13.37 -13.87 8.15
N LYS A 71 12.78 -12.72 8.39
CA LYS A 71 11.36 -12.66 8.74
C LYS A 71 10.45 -13.26 7.66
N ASN A 72 10.76 -12.99 6.40
CA ASN A 72 9.91 -13.39 5.29
C ASN A 72 9.83 -14.93 5.09
N GLN A 73 10.86 -15.67 5.47
CA GLN A 73 10.87 -17.13 5.34
C GLN A 73 10.53 -17.88 6.63
N VAL A 74 10.04 -17.16 7.64
CA VAL A 74 9.81 -17.81 8.91
C VAL A 74 8.92 -19.06 8.82
N ALA A 75 7.84 -19.00 8.04
CA ALA A 75 6.91 -20.13 7.94
C ALA A 75 7.55 -21.36 7.29
N ARG A 76 8.52 -21.14 6.40
CA ARG A 76 9.20 -22.23 5.74
C ARG A 76 10.29 -22.87 6.58
N ASN A 77 10.69 -22.21 7.66
CA ASN A 77 11.83 -22.65 8.48
C ASN A 77 11.63 -22.09 9.89
N PRO A 78 10.55 -22.49 10.57
CA PRO A 78 10.22 -21.86 11.83
C PRO A 78 11.13 -22.30 12.98
N GLU A 79 11.67 -23.50 12.95
CA GLU A 79 12.50 -23.98 14.07
C GLU A 79 13.83 -23.28 14.18
N ASN A 80 14.31 -22.73 13.07
CA ASN A 80 15.62 -22.14 12.97
C ASN A 80 15.57 -20.64 12.69
N THR A 81 14.42 -20.02 12.95
CA THR A 81 14.23 -18.59 12.68
C THR A 81 14.05 -17.93 14.04
N VAL A 82 15.03 -17.14 14.45
CA VAL A 82 15.09 -16.61 15.79
C VAL A 82 14.74 -15.11 15.82
N PHE A 83 13.92 -14.75 16.80
CA PHE A 83 13.49 -13.37 17.03
C PHE A 83 13.22 -13.23 18.54
N ASP A 84 12.86 -12.03 18.98
CA ASP A 84 12.63 -11.73 20.40
C ASP A 84 13.82 -12.01 21.31
N ALA A 85 15.04 -12.05 20.79
CA ALA A 85 16.24 -12.29 21.62
C ALA A 85 16.41 -11.26 22.75
N LYS A 86 15.85 -10.07 22.56
CA LYS A 86 15.89 -9.01 23.55
C LYS A 86 15.12 -9.42 24.82
N ARG A 87 14.20 -10.38 24.68
CA ARG A 87 13.46 -10.89 25.81
C ARG A 87 14.26 -11.92 26.59
N LEU A 88 15.38 -12.40 26.04
CA LEU A 88 16.26 -13.34 26.71
C LEU A 88 17.56 -12.70 27.17
N ILE A 89 17.98 -11.65 26.50
CA ILE A 89 19.34 -11.16 26.67
C ILE A 89 19.54 -10.78 28.13
N GLY A 90 20.61 -11.33 28.71
CA GLY A 90 21.01 -10.99 30.05
C GLY A 90 20.16 -11.56 31.16
N ARG A 91 19.23 -12.46 30.83
CA ARG A 91 18.35 -13.06 31.80
C ARG A 91 18.71 -14.53 32.03
N LYS A 92 18.10 -15.12 33.06
CA LYS A 92 18.38 -16.49 33.47
C LYS A 92 17.31 -17.43 32.91
N PHE A 93 17.68 -18.68 32.68
CA PHE A 93 16.83 -19.62 31.97
C PHE A 93 15.52 -19.90 32.69
N ASP A 94 15.58 -20.08 34.00
CA ASP A 94 14.38 -20.42 34.77
C ASP A 94 13.67 -19.17 35.31
N ASP A 95 13.97 -18.00 34.74
CA ASP A 95 13.15 -16.83 34.99
C ASP A 95 11.74 -17.13 34.48
N GLN A 96 10.74 -16.66 35.20
CA GLN A 96 9.35 -16.94 34.88
C GLN A 96 8.95 -16.33 33.53
N ALA A 97 9.33 -15.07 33.30
CA ALA A 97 9.04 -14.43 32.03
C ALA A 97 9.63 -15.23 30.86
N VAL A 98 10.87 -15.67 31.04
CA VAL A 98 11.55 -16.51 30.04
C VAL A 98 10.76 -17.79 29.78
N GLN A 99 10.43 -18.54 30.83
CA GLN A 99 9.66 -19.78 30.66
C GLN A 99 8.30 -19.55 29.99
N SER A 100 7.69 -18.38 30.25
CA SER A 100 6.39 -18.08 29.67
C SER A 100 6.56 -17.80 28.17
N ASP A 101 7.55 -16.97 27.85
CA ASP A 101 7.81 -16.59 26.48
C ASP A 101 8.17 -17.82 25.64
N MET A 102 8.97 -18.72 26.21
CA MET A 102 9.37 -19.95 25.49
C MET A 102 8.20 -20.78 24.92
N THR A 103 7.03 -20.70 25.54
CA THR A 103 5.87 -21.44 25.06
C THR A 103 5.26 -20.84 23.80
N HIS A 104 5.70 -19.66 23.41
CA HIS A 104 5.20 -19.02 22.19
C HIS A 104 6.26 -18.92 21.10
N TRP A 105 7.46 -19.44 21.34
CA TRP A 105 8.53 -19.40 20.33
C TRP A 105 8.71 -20.74 19.66
N PRO A 106 8.77 -20.77 18.32
CA PRO A 106 8.96 -22.11 17.71
C PRO A 106 10.42 -22.62 17.78
N PHE A 107 11.37 -21.75 18.12
CA PHE A 107 12.75 -22.18 18.28
C PHE A 107 12.98 -22.69 19.68
N LYS A 108 13.99 -23.56 19.83
CA LYS A 108 14.27 -24.24 21.07
C LYS A 108 15.19 -23.43 21.95
N VAL A 109 14.86 -23.37 23.23
CA VAL A 109 15.75 -22.79 24.23
C VAL A 109 15.99 -23.81 25.35
N VAL A 110 17.27 -24.12 25.62
CA VAL A 110 17.63 -25.04 26.70
C VAL A 110 18.54 -24.35 27.69
N ARG A 111 18.70 -24.94 28.88
N ARG A 111 18.70 -24.96 28.87
CA ARG A 111 19.47 -24.28 29.93
CA ARG A 111 19.49 -24.38 29.95
C ARG A 111 20.96 -24.61 29.81
C ARG A 111 20.97 -24.64 29.72
N GLY A 112 21.79 -23.58 29.72
CA GLY A 112 23.23 -23.74 29.62
C GLY A 112 23.82 -23.80 31.02
N PRO A 113 25.15 -23.98 31.13
CA PRO A 113 25.75 -23.89 32.46
C PRO A 113 25.52 -22.51 33.09
N LYS A 114 25.50 -22.46 34.42
N LYS A 114 25.49 -22.47 34.42
CA LYS A 114 25.29 -21.22 35.16
CA LYS A 114 25.27 -21.24 35.18
C LYS A 114 23.94 -20.56 34.87
C LYS A 114 23.95 -20.56 34.85
N ASP A 115 22.93 -21.36 34.55
CA ASP A 115 21.55 -20.87 34.36
C ASP A 115 21.35 -19.95 33.14
N LYS A 116 22.25 -20.00 32.17
CA LYS A 116 22.19 -19.09 31.01
C LYS A 116 21.36 -19.72 29.89
N PRO A 117 20.42 -18.97 29.30
CA PRO A 117 19.65 -19.56 28.22
C PRO A 117 20.51 -19.80 26.98
N ILE A 118 20.20 -20.88 26.26
CA ILE A 118 20.88 -21.19 25.04
C ILE A 118 19.85 -21.47 23.97
N ILE A 119 19.92 -20.74 22.86
CA ILE A 119 19.08 -20.99 21.70
C ILE A 119 19.74 -22.07 20.86
N SER A 120 19.00 -23.14 20.59
CA SER A 120 19.51 -24.30 19.83
C SER A 120 18.78 -24.39 18.52
N VAL A 121 19.52 -24.35 17.41
CA VAL A 121 18.95 -24.40 16.08
C VAL A 121 19.78 -25.34 15.22
N ASN A 122 19.33 -25.59 13.99
CA ASN A 122 20.15 -26.24 12.97
C ASN A 122 20.67 -25.22 11.97
N TYR A 123 21.93 -25.38 11.56
CA TYR A 123 22.63 -24.39 10.75
C TYR A 123 23.77 -25.08 10.04
N LEU A 124 23.78 -24.98 8.70
CA LEU A 124 24.82 -25.60 7.88
C LEU A 124 24.94 -27.09 8.21
N GLY A 125 23.81 -27.74 8.43
CA GLY A 125 23.78 -29.19 8.62
C GLY A 125 24.17 -29.76 9.97
N GLU A 126 24.39 -28.89 10.95
N GLU A 126 24.46 -28.90 10.95
CA GLU A 126 24.76 -29.31 12.29
CA GLU A 126 24.75 -29.36 12.30
C GLU A 126 23.90 -28.57 13.31
C GLU A 126 23.95 -28.55 13.32
N LYS A 127 23.81 -29.10 14.51
CA LYS A 127 23.17 -28.41 15.62
C LYS A 127 24.11 -27.28 16.01
N LYS A 128 23.55 -26.10 16.30
CA LYS A 128 24.33 -24.94 16.72
C LYS A 128 23.66 -24.28 17.90
N GLU A 129 24.44 -23.88 18.88
CA GLU A 129 23.96 -23.20 20.07
C GLU A 129 24.39 -21.71 20.06
N PHE A 130 23.49 -20.84 20.47
CA PHE A 130 23.78 -19.40 20.57
C PHE A 130 23.24 -18.88 21.86
N HIS A 131 23.98 -17.97 22.48
CA HIS A 131 23.44 -17.12 23.54
C HIS A 131 22.65 -16.00 22.90
N ALA A 132 21.74 -15.39 23.66
CA ALA A 132 20.88 -14.34 23.13
C ALA A 132 21.72 -13.16 22.61
N GLU A 133 22.82 -12.86 23.32
CA GLU A 133 23.70 -11.77 22.89
C GLU A 133 24.42 -12.06 21.58
N GLU A 134 24.54 -13.34 21.23
CA GLU A 134 25.10 -13.72 19.92
C GLU A 134 24.10 -13.44 18.82
N ILE A 135 22.82 -13.63 19.09
CA ILE A 135 21.78 -13.30 18.10
C ILE A 135 21.70 -11.78 17.89
N SER A 136 21.64 -11.07 19.00
CA SER A 136 21.67 -9.62 18.97
C SER A 136 22.95 -9.06 18.33
N ALA A 137 24.09 -9.73 18.49
CA ALA A 137 25.32 -9.28 17.80
C ALA A 137 25.16 -9.32 16.27
N MET A 138 24.40 -10.28 15.76
CA MET A 138 24.18 -10.42 14.30
C MET A 138 23.37 -9.25 13.77
N VAL A 139 22.35 -8.87 14.53
CA VAL A 139 21.54 -7.72 14.20
C VAL A 139 22.39 -6.45 14.25
N LEU A 140 23.21 -6.32 15.30
CA LEU A 140 24.09 -5.17 15.42
C LEU A 140 25.10 -5.14 14.29
N GLN A 141 25.63 -6.30 13.92
N GLN A 141 25.64 -6.30 13.92
CA GLN A 141 26.56 -6.40 12.79
CA GLN A 141 26.55 -6.43 12.79
C GLN A 141 25.90 -5.92 11.50
C GLN A 141 25.90 -5.91 11.51
N LYS A 142 24.63 -6.26 11.30
CA LYS A 142 23.88 -5.78 10.14
C LYS A 142 23.77 -4.23 10.14
N MET A 143 23.40 -3.67 11.30
CA MET A 143 23.28 -2.22 11.42
C MET A 143 24.62 -1.57 11.14
N LYS A 144 25.70 -2.23 11.55
CA LYS A 144 27.03 -1.72 11.36
C LYS A 144 27.37 -1.75 9.84
N GLU A 145 27.03 -2.84 9.18
CA GLU A 145 27.31 -2.98 7.74
C GLU A 145 26.55 -1.93 6.92
N ILE A 146 25.26 -1.76 7.19
CA ILE A 146 24.52 -0.79 6.37
C ILE A 146 25.04 0.63 6.61
N SER A 147 25.51 0.92 7.83
CA SER A 147 26.09 2.24 8.11
C SER A 147 27.40 2.46 7.38
N GLU A 148 28.18 1.41 7.27
CA GLU A 148 29.48 1.46 6.65
C GLU A 148 29.33 1.70 5.16
N ALA A 149 28.34 1.07 4.53
CA ALA A 149 28.05 1.33 3.14
C ALA A 149 27.55 2.79 2.98
N TYR A 150 26.65 3.20 3.85
CA TYR A 150 26.05 4.54 3.77
C TYR A 150 27.06 5.66 3.92
N LEU A 151 28.02 5.47 4.83
CA LEU A 151 29.04 6.49 5.14
C LEU A 151 30.28 6.31 4.29
N GLY A 152 30.43 5.13 3.67
CA GLY A 152 31.64 4.86 2.93
C GLY A 152 32.89 4.75 3.77
N ARG A 153 32.75 4.21 4.97
CA ARG A 153 33.93 3.89 5.78
C ARG A 153 33.65 2.92 6.88
N GLN A 154 34.74 2.37 7.42
CA GLN A 154 34.70 1.45 8.57
C GLN A 154 34.20 2.20 9.78
N ILE A 155 33.40 1.51 10.60
CA ILE A 155 32.80 2.07 11.81
C ILE A 155 33.08 1.12 12.95
N LYS A 156 33.58 1.64 14.07
CA LYS A 156 33.72 0.85 15.30
C LYS A 156 32.92 1.43 16.47
N ASN A 157 32.85 2.74 16.59
CA ASN A 157 32.29 3.33 17.80
C ASN A 157 30.78 3.48 17.71
N ALA A 158 30.11 3.11 18.79
CA ALA A 158 28.66 3.11 18.85
C ALA A 158 28.12 3.38 20.26
N VAL A 159 27.02 4.10 20.35
CA VAL A 159 26.12 4.07 21.49
C VAL A 159 24.96 3.13 21.14
N VAL A 160 24.65 2.20 22.05
CA VAL A 160 23.49 1.33 21.92
C VAL A 160 22.50 1.62 23.04
N THR A 161 21.23 1.64 22.69
CA THR A 161 20.20 1.97 23.64
C THR A 161 19.58 0.70 24.24
N VAL A 162 19.00 0.86 25.43
CA VAL A 162 18.27 -0.21 26.10
C VAL A 162 17.04 0.35 26.83
N PRO A 163 16.08 -0.51 27.19
CA PRO A 163 14.97 -0.04 28.02
C PRO A 163 15.44 0.47 29.38
N ALA A 164 14.72 1.45 29.90
CA ALA A 164 15.06 2.07 31.17
C ALA A 164 15.11 1.05 32.30
N TYR A 165 14.26 0.02 32.24
CA TYR A 165 14.16 -1.01 33.29
C TYR A 165 15.23 -2.10 33.18
N PHE A 166 16.07 -2.07 32.15
CA PHE A 166 17.12 -3.09 32.03
C PHE A 166 18.09 -3.03 33.21
N ASN A 167 18.51 -4.17 33.71
CA ASN A 167 19.39 -4.21 34.89
C ASN A 167 20.85 -4.33 34.44
N ASP A 168 21.76 -4.29 35.39
CA ASP A 168 23.19 -4.43 35.09
C ASP A 168 23.52 -5.61 34.16
N SER A 169 22.91 -6.76 34.41
CA SER A 169 23.19 -7.93 33.58
C SER A 169 22.66 -7.80 32.15
N GLN A 170 21.53 -7.13 31.98
CA GLN A 170 20.98 -6.93 30.67
C GLN A 170 21.81 -5.92 29.88
N ARG A 171 22.31 -4.91 30.57
CA ARG A 171 23.18 -3.93 29.95
C ARG A 171 24.50 -4.54 29.47
N GLN A 172 25.14 -5.32 30.34
CA GLN A 172 26.45 -5.87 30.02
C GLN A 172 26.32 -6.81 28.83
N ALA A 173 25.25 -7.60 28.81
CA ALA A 173 25.02 -8.55 27.72
C ALA A 173 24.77 -7.80 26.39
N THR A 174 24.17 -6.62 26.47
CA THR A 174 24.00 -5.76 25.28
C THR A 174 25.38 -5.23 24.84
N LYS A 175 26.20 -4.79 25.77
N LYS A 175 26.19 -4.77 25.77
CA LYS A 175 27.56 -4.37 25.45
CA LYS A 175 27.57 -4.38 25.47
C LYS A 175 28.33 -5.51 24.79
C LYS A 175 28.31 -5.52 24.77
N ASP A 176 28.18 -6.72 25.32
CA ASP A 176 28.84 -7.90 24.79
C ASP A 176 28.41 -8.17 23.33
N ALA A 177 27.10 -8.11 23.08
CA ALA A 177 26.57 -8.20 21.70
C ALA A 177 27.28 -7.19 20.79
N GLY A 178 27.49 -5.98 21.29
CA GLY A 178 28.30 -4.96 20.60
C GLY A 178 29.71 -5.42 20.25
N ALA A 179 30.45 -5.88 21.26
CA ALA A 179 31.84 -6.36 21.05
C ALA A 179 31.91 -7.51 20.05
N ILE A 180 30.97 -8.44 20.15
CA ILE A 180 30.91 -9.62 19.28
C ILE A 180 30.71 -9.18 17.81
N ALA A 181 29.97 -8.08 17.63
CA ALA A 181 29.75 -7.49 16.32
C ALA A 181 30.89 -6.58 15.87
N GLY A 182 31.92 -6.43 16.69
CA GLY A 182 33.05 -5.59 16.33
C GLY A 182 32.88 -4.12 16.65
N LEU A 183 31.88 -3.83 17.47
CA LEU A 183 31.61 -2.46 17.87
C LEU A 183 32.28 -2.17 19.20
N ASN A 184 32.89 -1.00 19.31
CA ASN A 184 33.29 -0.44 20.59
C ASN A 184 32.11 0.33 21.12
N VAL A 185 31.43 -0.22 22.12
CA VAL A 185 30.24 0.40 22.68
C VAL A 185 30.67 1.45 23.69
N MET A 186 30.67 2.70 23.28
CA MET A 186 31.15 3.77 24.14
C MET A 186 30.26 3.94 25.37
N ARG A 187 28.96 3.75 25.18
CA ARG A 187 28.00 3.82 26.27
C ARG A 187 26.68 3.10 25.94
N ILE A 188 26.06 2.52 26.95
CA ILE A 188 24.70 2.02 26.87
C ILE A 188 23.80 3.08 27.49
N ILE A 189 22.90 3.66 26.72
CA ILE A 189 21.96 4.63 27.27
C ILE A 189 20.50 4.14 27.20
N ASN A 190 19.65 4.75 28.01
CA ASN A 190 18.25 4.42 28.07
C ASN A 190 17.48 4.93 26.85
N GLU A 191 16.60 4.08 26.32
CA GLU A 191 15.73 4.42 25.17
C GLU A 191 14.96 5.73 25.33
N PRO A 192 14.25 5.92 26.46
CA PRO A 192 13.44 7.14 26.60
C PRO A 192 14.28 8.43 26.66
N THR A 193 15.46 8.32 27.29
CA THR A 193 16.44 9.41 27.32
C THR A 193 16.99 9.76 25.95
N ALA A 194 17.29 8.73 25.15
CA ALA A 194 17.74 8.96 23.77
C ALA A 194 16.69 9.72 22.99
N ALA A 195 15.43 9.37 23.20
CA ALA A 195 14.35 10.06 22.50
C ALA A 195 14.30 11.53 22.95
N ALA A 196 14.47 11.76 24.24
CA ALA A 196 14.49 13.13 24.82
C ALA A 196 15.62 13.95 24.22
N ILE A 197 16.80 13.32 24.11
CA ILE A 197 17.99 13.93 23.52
C ILE A 197 17.77 14.28 22.04
N ALA A 198 17.10 13.40 21.31
CA ALA A 198 16.79 13.64 19.91
C ALA A 198 16.01 14.93 19.69
N TYR A 199 15.11 15.25 20.61
CA TYR A 199 14.31 16.48 20.53
C TYR A 199 14.98 17.72 21.23
N GLY A 200 16.21 17.56 21.70
CA GLY A 200 16.93 18.67 22.33
C GLY A 200 16.34 19.12 23.65
N LEU A 201 15.66 18.21 24.36
CA LEU A 201 14.76 18.58 25.45
C LEU A 201 15.57 18.94 26.68
N ASP A 202 16.79 18.43 26.74
CA ASP A 202 17.75 18.78 27.77
C ASP A 202 18.40 20.13 27.57
N LYS A 203 18.02 20.86 26.53
CA LYS A 203 18.60 22.18 26.27
C LYS A 203 17.50 23.14 25.87
N LYS A 204 16.30 22.90 26.41
CA LYS A 204 15.09 23.64 26.04
C LYS A 204 14.49 24.24 27.29
N GLY A 205 14.74 25.52 27.52
CA GLY A 205 14.05 26.26 28.56
C GLY A 205 14.82 26.33 29.86
N THR A 206 14.22 26.99 30.86
CA THR A 206 14.86 27.29 32.13
C THR A 206 14.28 26.41 33.25
N GLY A 207 15.14 25.94 34.13
CA GLY A 207 14.72 25.16 35.28
C GLY A 207 14.44 23.71 34.92
N GLU A 208 13.49 23.12 35.62
CA GLU A 208 13.25 21.69 35.60
C GLU A 208 12.20 21.35 34.55
N ARG A 209 12.44 20.30 33.77
CA ARG A 209 11.51 19.95 32.70
C ARG A 209 11.10 18.49 32.81
N ASN A 210 9.79 18.28 32.81
CA ASN A 210 9.20 16.97 32.96
C ASN A 210 8.81 16.46 31.58
N VAL A 211 9.21 15.22 31.28
CA VAL A 211 9.09 14.68 29.93
C VAL A 211 8.46 13.33 30.04
N LEU A 212 7.34 13.13 29.34
CA LEU A 212 6.79 11.78 29.28
C LEU A 212 7.06 11.17 27.89
N ILE A 213 7.64 9.98 27.90
CA ILE A 213 7.89 9.23 26.65
C ILE A 213 6.87 8.13 26.56
N PHE A 214 6.09 8.13 25.48
CA PHE A 214 5.07 7.14 25.21
C PHE A 214 5.57 6.31 24.00
N ASP A 215 5.94 5.06 24.23
CA ASP A 215 6.68 4.23 23.26
C ASP A 215 5.89 2.96 22.93
N LEU A 216 5.11 3.01 21.86
CA LEU A 216 4.26 1.87 21.49
C LEU A 216 4.76 1.24 20.19
N GLY A 217 5.29 0.04 20.31
CA GLY A 217 5.95 -0.65 19.19
C GLY A 217 5.15 -1.81 18.63
N GLY A 218 5.88 -2.78 18.10
CA GLY A 218 5.33 -3.95 17.46
C GLY A 218 4.90 -4.98 18.46
N GLY A 219 5.65 -5.10 19.54
CA GLY A 219 5.33 -6.08 20.58
C GLY A 219 5.41 -5.62 22.03
N THR A 220 5.90 -4.41 22.29
CA THR A 220 6.07 -3.93 23.64
C THR A 220 5.57 -2.50 23.79
N PHE A 221 5.15 -2.17 25.01
CA PHE A 221 4.66 -0.82 25.35
C PHE A 221 5.35 -0.37 26.62
N ASP A 222 6.01 0.77 26.54
CA ASP A 222 6.78 1.35 27.64
C ASP A 222 6.43 2.82 27.74
N VAL A 223 6.15 3.27 28.96
CA VAL A 223 5.96 4.69 29.25
C VAL A 223 6.99 5.06 30.27
N SER A 224 7.65 6.20 30.06
CA SER A 224 8.71 6.64 30.94
C SER A 224 8.53 8.10 31.26
N LEU A 225 8.70 8.45 32.53
CA LEU A 225 8.59 9.81 32.98
C LEU A 225 9.98 10.23 33.44
N LEU A 226 10.53 11.25 32.78
CA LEU A 226 11.85 11.77 33.06
C LEU A 226 11.73 13.21 33.51
N THR A 227 12.69 13.63 34.31
CA THR A 227 12.85 15.03 34.64
C THR A 227 14.23 15.45 34.20
N ILE A 228 14.31 16.63 33.60
CA ILE A 228 15.59 17.18 33.18
C ILE A 228 15.85 18.48 33.92
N GLU A 229 17.06 18.65 34.43
CA GLU A 229 17.47 19.91 35.04
C GLU A 229 18.95 20.17 34.85
N ASP A 230 19.26 21.40 34.47
CA ASP A 230 20.62 21.80 34.15
C ASP A 230 21.18 20.84 33.11
N GLY A 231 20.31 20.25 32.29
CA GLY A 231 20.73 19.30 31.26
C GLY A 231 21.08 17.90 31.74
N ILE A 232 20.62 17.54 32.94
CA ILE A 232 20.87 16.21 33.51
C ILE A 232 19.55 15.42 33.56
N PHE A 233 19.59 14.16 33.12
CA PHE A 233 18.42 13.30 33.04
C PHE A 233 18.28 12.39 34.23
N GLU A 234 17.07 12.35 34.77
CA GLU A 234 16.71 11.45 35.85
C GLU A 234 15.48 10.71 35.39
N VAL A 235 15.52 9.40 35.41
CA VAL A 235 14.35 8.58 35.15
C VAL A 235 13.56 8.42 36.42
N LYS A 236 12.42 9.10 36.49
CA LYS A 236 11.61 9.15 37.72
C LYS A 236 10.73 7.91 37.91
N ALA A 237 10.13 7.42 36.83
CA ALA A 237 9.19 6.30 36.89
C ALA A 237 9.00 5.66 35.50
N THR A 238 8.83 4.34 35.48
CA THR A 238 8.56 3.58 34.27
C THR A 238 7.34 2.68 34.51
N ALA A 239 6.59 2.39 33.44
CA ALA A 239 5.48 1.47 33.50
C ALA A 239 5.23 1.01 32.09
N GLY A 240 4.45 -0.04 31.92
CA GLY A 240 4.10 -0.50 30.60
C GLY A 240 3.53 -1.89 30.56
N ASP A 241 3.54 -2.50 29.37
CA ASP A 241 3.09 -3.87 29.16
C ASP A 241 4.01 -4.47 28.10
N THR A 242 4.71 -5.56 28.46
N THR A 242 4.66 -5.58 28.48
CA THR A 242 5.70 -6.17 27.58
CA THR A 242 5.67 -6.25 27.67
C THR A 242 5.06 -7.06 26.52
C THR A 242 5.06 -7.02 26.50
N HIS A 243 3.73 -7.09 26.46
CA HIS A 243 3.03 -7.87 25.44
C HIS A 243 1.80 -7.12 24.93
N LEU A 244 2.03 -5.88 24.56
CA LEU A 244 1.03 -5.10 23.88
C LEU A 244 1.77 -4.30 22.84
N GLY A 245 1.34 -4.45 21.60
CA GLY A 245 1.83 -3.58 20.55
C GLY A 245 1.12 -3.87 19.26
N GLY A 246 1.76 -3.42 18.18
CA GLY A 246 1.22 -3.54 16.84
C GLY A 246 0.77 -4.93 16.41
N GLU A 247 1.43 -5.97 16.88
CA GLU A 247 1.05 -7.31 16.47
C GLU A 247 -0.36 -7.67 16.95
N ASP A 248 -0.71 -7.22 18.15
CA ASP A 248 -2.01 -7.52 18.73
C ASP A 248 -3.10 -6.83 17.98
N PHE A 249 -2.81 -5.66 17.42
CA PHE A 249 -3.79 -4.96 16.60
C PHE A 249 -3.99 -5.73 15.28
N ASP A 250 -2.90 -6.25 14.72
CA ASP A 250 -2.98 -7.07 13.51
C ASP A 250 -3.90 -8.28 13.75
N ASN A 251 -3.67 -8.98 14.87
CA ASN A 251 -4.47 -10.11 15.31
C ASN A 251 -5.96 -9.83 15.31
N ARG A 252 -6.35 -8.65 15.77
CA ARG A 252 -7.76 -8.29 15.81
C ARG A 252 -8.33 -8.14 14.40
N LEU A 253 -7.57 -7.52 13.50
CA LEU A 253 -8.00 -7.39 12.11
C LEU A 253 -8.15 -8.78 11.46
N VAL A 254 -7.16 -9.64 11.66
CA VAL A 254 -7.24 -11.00 11.18
C VAL A 254 -8.52 -11.68 11.64
N GLU A 255 -8.74 -11.67 12.96
N GLU A 255 -8.77 -11.67 12.95
CA GLU A 255 -9.91 -12.29 13.57
CA GLU A 255 -9.92 -12.39 13.50
C GLU A 255 -11.19 -11.85 12.88
C GLU A 255 -11.25 -11.84 12.97
N PHE A 256 -11.33 -10.54 12.70
CA PHE A 256 -12.52 -9.99 12.05
C PHE A 256 -12.74 -10.60 10.67
N CYS A 257 -11.66 -10.68 9.89
CA CYS A 257 -11.71 -11.20 8.54
C CYS A 257 -12.12 -12.66 8.54
N VAL A 258 -11.57 -13.43 9.48
CA VAL A 258 -11.92 -14.84 9.62
C VAL A 258 -13.42 -15.02 9.81
N GLN A 259 -14.00 -14.24 10.72
CA GLN A 259 -15.43 -14.31 10.99
C GLN A 259 -16.26 -13.82 9.81
N ASP A 260 -15.81 -12.77 9.14
CA ASP A 260 -16.47 -12.28 7.93
C ASP A 260 -16.51 -13.36 6.85
N PHE A 261 -15.41 -14.09 6.69
CA PHE A 261 -15.32 -15.13 5.67
C PHE A 261 -16.32 -16.27 5.91
N LYS A 262 -16.41 -16.73 7.15
CA LYS A 262 -17.40 -17.72 7.57
C LYS A 262 -18.80 -17.26 7.22
N ARG A 263 -19.15 -16.06 7.72
CA ARG A 263 -20.45 -15.43 7.48
C ARG A 263 -20.85 -15.43 6.00
N LYS A 264 -19.84 -15.30 5.13
CA LYS A 264 -20.03 -15.30 3.67
C LYS A 264 -19.98 -16.70 3.06
N ASN A 265 -19.24 -17.61 3.69
CA ASN A 265 -19.06 -18.98 3.17
C ASN A 265 -19.45 -20.13 4.11
N ARG A 266 -20.70 -20.10 4.59
CA ARG A 266 -21.25 -21.19 5.43
C ARG A 266 -20.27 -21.81 6.44
N GLY A 267 -19.72 -20.98 7.31
CA GLY A 267 -18.91 -21.44 8.45
C GLY A 267 -17.51 -21.94 8.16
N MET A 268 -17.07 -21.85 6.90
CA MET A 268 -15.72 -22.26 6.54
C MET A 268 -14.69 -21.40 7.28
N ASP A 269 -13.77 -22.06 7.98
CA ASP A 269 -12.77 -21.37 8.80
C ASP A 269 -11.43 -21.36 8.07
N LEU A 270 -10.91 -20.14 7.84
CA LEU A 270 -9.68 -19.93 7.07
C LEU A 270 -8.42 -20.32 7.83
N THR A 271 -8.46 -20.21 9.16
CA THR A 271 -7.30 -20.53 9.99
C THR A 271 -6.91 -22.00 9.89
N THR A 272 -7.80 -22.81 9.33
CA THR A 272 -7.50 -24.22 9.01
C THR A 272 -6.39 -24.39 7.99
N ASN A 273 -6.26 -23.41 7.09
CA ASN A 273 -5.18 -23.38 6.10
C ASN A 273 -4.09 -22.35 6.50
N ALA A 274 -2.82 -22.78 6.44
CA ALA A 274 -1.69 -21.92 6.84
C ALA A 274 -1.44 -20.78 5.87
N ARG A 275 -1.39 -21.11 4.58
CA ARG A 275 -1.13 -20.12 3.54
C ARG A 275 -2.14 -19.00 3.61
N ALA A 276 -3.42 -19.37 3.61
CA ALA A 276 -4.50 -18.39 3.72
C ALA A 276 -4.30 -17.44 4.91
N LEU A 277 -3.76 -17.96 6.03
CA LEU A 277 -3.50 -17.12 7.22
C LEU A 277 -2.31 -16.17 7.03
N ARG A 278 -1.18 -16.66 6.54
CA ARG A 278 -0.01 -15.82 6.27
C ARG A 278 -0.39 -14.65 5.35
N ARG A 279 -1.08 -14.98 4.27
CA ARG A 279 -1.45 -13.98 3.28
C ARG A 279 -2.41 -12.98 3.88
N LEU A 280 -3.35 -13.49 4.66
CA LEU A 280 -4.28 -12.63 5.37
C LEU A 280 -3.57 -11.74 6.41
N ARG A 281 -2.63 -12.31 7.17
N ARG A 281 -2.63 -12.32 7.15
CA ARG A 281 -1.91 -11.56 8.20
CA ARG A 281 -1.88 -11.62 8.18
C ARG A 281 -1.02 -10.51 7.57
C ARG A 281 -1.09 -10.51 7.54
N THR A 282 -0.39 -10.86 6.45
CA THR A 282 0.36 -9.91 5.65
C THR A 282 -0.45 -8.71 5.18
N GLN A 283 -1.65 -8.93 4.69
CA GLN A 283 -2.46 -7.81 4.20
C GLN A 283 -3.16 -7.03 5.34
N CYS A 284 -3.26 -7.66 6.49
CA CYS A 284 -3.91 -7.02 7.63
C CYS A 284 -2.97 -5.94 8.18
N GLU A 285 -1.71 -6.33 8.35
CA GLU A 285 -0.62 -5.41 8.65
C GLU A 285 -0.64 -4.22 7.69
N ARG A 286 -0.68 -4.50 6.38
N ARG A 286 -0.69 -4.51 6.39
CA ARG A 286 -0.71 -3.42 5.39
CA ARG A 286 -0.71 -3.43 5.40
C ARG A 286 -1.97 -2.57 5.46
C ARG A 286 -1.97 -2.57 5.47
N ALA A 287 -3.11 -3.22 5.72
CA ALA A 287 -4.35 -2.50 5.89
C ALA A 287 -4.25 -1.58 7.09
N LYS A 288 -3.70 -2.09 8.19
CA LYS A 288 -3.52 -1.28 9.41
C LYS A 288 -2.66 -0.04 9.13
N ARG A 289 -1.55 -0.20 8.40
CA ARG A 289 -0.69 0.94 8.05
C ARG A 289 -1.43 1.95 7.19
N THR A 290 -2.13 1.42 6.20
CA THR A 290 -2.87 2.25 5.29
C THR A 290 -3.87 3.11 6.03
N LEU A 291 -4.50 2.53 7.06
CA LEU A 291 -5.52 3.23 7.81
C LEU A 291 -4.97 4.31 8.78
N SER A 292 -3.65 4.50 8.83
CA SER A 292 -3.07 5.63 9.54
C SER A 292 -3.04 6.89 8.69
N SER A 293 -3.23 6.77 7.38
CA SER A 293 -3.31 7.95 6.52
C SER A 293 -4.53 8.01 5.60
N SER A 294 -5.32 6.95 5.58
N SER A 294 -5.33 6.96 5.58
CA SER A 294 -6.58 6.93 4.84
CA SER A 294 -6.57 6.94 4.82
C SER A 294 -7.66 6.41 5.77
C SER A 294 -7.66 6.38 5.73
N THR A 295 -8.92 6.64 5.39
CA THR A 295 -10.07 6.21 6.21
C THR A 295 -10.63 4.86 5.78
N GLN A 296 -10.09 4.29 4.71
CA GLN A 296 -10.55 3.02 4.17
C GLN A 296 -9.33 2.23 3.69
N ALA A 297 -9.40 0.91 3.85
CA ALA A 297 -8.38 0.02 3.30
C ALA A 297 -9.08 -1.18 2.69
N THR A 298 -8.45 -1.78 1.69
CA THR A 298 -8.99 -2.96 1.01
C THR A 298 -8.06 -4.15 1.14
N ILE A 299 -8.64 -5.30 1.49
CA ILE A 299 -7.95 -6.55 1.36
C ILE A 299 -8.58 -7.29 0.18
N GLU A 300 -7.76 -7.86 -0.68
CA GLU A 300 -8.26 -8.64 -1.77
C GLU A 300 -7.22 -9.66 -2.13
N LEU A 301 -7.59 -10.92 -1.91
CA LEU A 301 -6.69 -12.05 -2.07
C LEU A 301 -7.42 -13.13 -2.90
N ASP A 302 -6.86 -13.45 -4.07
CA ASP A 302 -7.42 -14.49 -4.93
C ASP A 302 -7.08 -15.85 -4.36
N SER A 303 -7.96 -16.83 -4.61
CA SER A 303 -7.69 -18.22 -4.30
C SER A 303 -7.15 -18.32 -2.88
N LEU A 304 -7.91 -17.78 -1.93
CA LEU A 304 -7.44 -17.64 -0.54
C LEU A 304 -7.43 -18.98 0.19
N TYR A 305 -8.60 -19.62 0.31
CA TYR A 305 -8.75 -20.84 1.10
C TYR A 305 -8.96 -22.09 0.23
N GLU A 306 -10.14 -22.19 -0.37
CA GLU A 306 -10.51 -23.40 -1.11
C GLU A 306 -10.82 -22.94 -2.54
N GLY A 307 -9.93 -22.11 -3.07
CA GLY A 307 -10.18 -21.42 -4.34
C GLY A 307 -11.22 -20.32 -4.20
N ILE A 308 -11.70 -20.12 -2.98
CA ILE A 308 -12.61 -19.03 -2.65
C ILE A 308 -11.81 -17.73 -2.61
N ASP A 309 -12.25 -16.75 -3.40
CA ASP A 309 -11.67 -15.44 -3.39
C ASP A 309 -12.23 -14.69 -2.19
N TYR A 310 -11.44 -13.73 -1.67
CA TYR A 310 -11.85 -12.95 -0.51
C TYR A 310 -11.47 -11.45 -0.65
N SER A 311 -12.43 -10.59 -0.37
CA SER A 311 -12.19 -9.17 -0.38
C SER A 311 -13.07 -8.54 0.67
N VAL A 312 -12.54 -7.50 1.33
CA VAL A 312 -13.31 -6.76 2.30
C VAL A 312 -12.80 -5.31 2.43
N ALA A 313 -13.75 -4.40 2.63
CA ALA A 313 -13.46 -3.01 2.86
C ALA A 313 -13.43 -2.86 4.36
N ILE A 314 -12.33 -2.33 4.91
CA ILE A 314 -12.22 -2.07 6.37
C ILE A 314 -12.04 -0.59 6.61
N SER A 315 -12.92 -0.02 7.41
CA SER A 315 -12.86 1.40 7.66
C SER A 315 -11.92 1.66 8.81
N ARG A 316 -11.47 2.89 8.92
CA ARG A 316 -10.68 3.30 10.07
C ARG A 316 -11.50 3.13 11.33
N ALA A 317 -12.77 3.54 11.27
CA ALA A 317 -13.63 3.44 12.45
C ALA A 317 -13.75 1.98 12.89
N ARG A 318 -13.91 1.07 11.95
CA ARG A 318 -13.91 -0.36 12.29
C ARG A 318 -12.61 -0.82 12.91
N PHE A 319 -11.49 -0.35 12.39
CA PHE A 319 -10.21 -0.71 12.98
C PHE A 319 -10.14 -0.22 14.41
N GLU A 320 -10.54 1.03 14.62
CA GLU A 320 -10.50 1.64 15.96
C GLU A 320 -11.43 0.89 16.89
N GLU A 321 -12.49 0.31 16.31
CA GLU A 321 -13.48 -0.42 17.09
C GLU A 321 -12.99 -1.81 17.47
N LEU A 322 -12.28 -2.46 16.56
CA LEU A 322 -11.76 -3.78 16.88
C LEU A 322 -10.71 -3.73 17.97
N CYS A 323 -10.02 -2.59 18.10
CA CYS A 323 -8.89 -2.42 19.02
C CYS A 323 -9.16 -1.44 20.17
N ALA A 324 -10.43 -1.13 20.40
CA ALA A 324 -10.80 -0.07 21.33
C ALA A 324 -10.24 -0.31 22.73
N ASP A 325 -10.41 -1.53 23.24
CA ASP A 325 -9.90 -1.87 24.56
C ASP A 325 -8.39 -1.63 24.67
N TYR A 326 -7.64 -2.12 23.68
CA TYR A 326 -6.19 -1.95 23.69
C TYR A 326 -5.80 -0.48 23.73
N PHE A 327 -6.48 0.35 22.94
CA PHE A 327 -6.05 1.71 22.79
C PHE A 327 -6.31 2.45 24.09
N ARG A 328 -7.45 2.17 24.72
CA ARG A 328 -7.73 2.72 26.06
C ARG A 328 -6.72 2.20 27.08
N ALA A 329 -6.33 0.95 26.99
CA ALA A 329 -5.40 0.37 27.95
C ALA A 329 -4.02 1.06 27.95
N THR A 330 -3.67 1.76 26.88
CA THR A 330 -2.38 2.46 26.82
C THR A 330 -2.32 3.65 27.77
N LEU A 331 -3.46 4.21 28.15
CA LEU A 331 -3.44 5.35 29.08
C LEU A 331 -3.23 4.95 30.54
N ALA A 332 -3.34 3.67 30.89
CA ALA A 332 -3.15 3.26 32.29
C ALA A 332 -1.69 3.36 32.76
N PRO A 333 -0.74 2.90 31.95
CA PRO A 333 0.66 3.14 32.34
C PRO A 333 1.07 4.61 32.42
N VAL A 334 0.41 5.48 31.66
CA VAL A 334 0.65 6.91 31.75
C VAL A 334 0.22 7.38 33.13
N GLU A 335 -0.91 6.87 33.60
CA GLU A 335 -1.40 7.22 34.93
C GLU A 335 -0.52 6.62 36.01
N LYS A 336 -0.01 5.41 35.80
N LYS A 336 0.00 5.42 35.81
CA LYS A 336 0.83 4.76 36.80
CA LYS A 336 0.81 4.79 36.83
C LYS A 336 2.14 5.51 37.02
C LYS A 336 2.14 5.52 37.04
N VAL A 337 2.82 5.90 35.95
CA VAL A 337 4.09 6.63 36.11
C VAL A 337 3.88 7.97 36.80
N LEU A 338 2.80 8.66 36.45
CA LEU A 338 2.48 9.93 37.05
C LEU A 338 2.13 9.71 38.53
N LYS A 339 1.35 8.67 38.79
CA LYS A 339 0.89 8.42 40.15
C LYS A 339 2.13 8.07 40.97
N ASP A 340 2.94 7.16 40.47
CA ASP A 340 4.17 6.74 41.17
C ASP A 340 5.14 7.88 41.44
N ALA A 341 5.17 8.87 40.56
CA ALA A 341 6.09 9.98 40.74
C ALA A 341 5.45 11.11 41.55
N GLY A 342 4.18 10.97 41.89
CA GLY A 342 3.43 12.01 42.56
C GLY A 342 3.37 13.27 41.74
N MET A 343 3.12 13.11 40.44
CA MET A 343 3.08 14.21 39.50
C MET A 343 1.72 14.27 38.82
N ASP A 344 1.28 15.49 38.57
CA ASP A 344 -0.01 15.72 37.95
C ASP A 344 0.24 15.76 36.46
N LYS A 345 -0.68 15.21 35.68
CA LYS A 345 -0.50 15.16 34.22
C LYS A 345 -0.27 16.56 33.65
N ARG A 346 -0.80 17.55 34.35
CA ARG A 346 -0.63 18.96 34.00
C ARG A 346 0.84 19.43 34.08
N SER A 347 1.66 18.73 34.87
CA SER A 347 3.05 19.14 35.12
C SER A 347 4.03 18.71 34.01
N VAL A 348 3.57 17.86 33.07
CA VAL A 348 4.39 17.35 31.97
C VAL A 348 4.57 18.42 30.91
N HIS A 349 5.80 18.76 30.56
CA HIS A 349 6.07 19.79 29.57
C HIS A 349 6.20 19.27 28.13
N ASP A 350 6.58 18.00 27.97
CA ASP A 350 6.72 17.40 26.64
C ASP A 350 6.20 15.98 26.67
N VAL A 351 5.32 15.69 25.73
CA VAL A 351 4.85 14.33 25.53
C VAL A 351 5.46 13.88 24.21
N VAL A 352 6.32 12.86 24.29
CA VAL A 352 7.06 12.38 23.14
C VAL A 352 6.55 11.03 22.66
N LEU A 353 6.14 10.96 21.41
CA LEU A 353 5.67 9.73 20.77
C LEU A 353 6.82 9.02 20.08
N VAL A 354 7.01 7.77 20.44
CA VAL A 354 8.10 6.93 19.96
C VAL A 354 7.43 5.59 19.63
N GLY A 355 7.99 4.83 18.69
CA GLY A 355 7.44 3.55 18.30
C GLY A 355 6.48 3.70 17.13
N GLY A 356 6.56 2.76 16.20
CA GLY A 356 5.79 2.84 14.96
C GLY A 356 4.28 2.82 15.11
N SER A 357 3.78 2.16 16.14
CA SER A 357 2.36 2.15 16.41
C SER A 357 1.81 3.51 16.88
N THR A 358 2.67 4.47 17.24
CA THR A 358 2.17 5.82 17.60
C THR A 358 1.65 6.59 16.39
N ARG A 359 1.83 6.03 15.19
N ARG A 359 1.84 6.05 15.19
CA ARG A 359 1.31 6.63 13.98
CA ARG A 359 1.30 6.65 13.97
C ARG A 359 -0.22 6.48 13.85
C ARG A 359 -0.23 6.48 13.86
N ILE A 360 -0.81 5.60 14.66
CA ILE A 360 -2.25 5.35 14.61
C ILE A 360 -3.00 6.57 15.10
N PRO A 361 -3.78 7.24 14.24
CA PRO A 361 -4.39 8.49 14.66
C PRO A 361 -5.17 8.42 15.99
N LYS A 362 -5.96 7.37 16.17
CA LYS A 362 -6.75 7.19 17.40
C LYS A 362 -5.87 7.14 18.62
N VAL A 363 -4.72 6.46 18.53
CA VAL A 363 -3.82 6.42 19.68
C VAL A 363 -3.30 7.81 19.97
N GLN A 364 -2.97 8.59 18.95
CA GLN A 364 -2.52 9.98 19.16
C GLN A 364 -3.63 10.85 19.73
N ALA A 365 -4.87 10.59 19.33
CA ALA A 365 -6.00 11.40 19.78
C ALA A 365 -6.30 11.12 21.24
N LEU A 366 -6.17 9.86 21.66
CA LEU A 366 -6.40 9.49 23.06
C LEU A 366 -5.40 10.13 24.02
N ILE A 367 -4.14 10.12 23.61
CA ILE A 367 -3.07 10.68 24.39
C ILE A 367 -3.25 12.18 24.43
N GLN A 368 -3.53 12.81 23.29
CA GLN A 368 -3.67 14.26 23.27
C GLN A 368 -4.87 14.69 24.14
N GLU A 369 -5.93 13.87 24.18
CA GLU A 369 -7.10 14.13 24.99
C GLU A 369 -6.75 14.00 26.46
N PHE A 370 -6.09 12.90 26.82
CA PHE A 370 -5.60 12.73 28.18
C PHE A 370 -4.84 13.94 28.66
N PHE A 371 -3.95 14.50 27.83
CA PHE A 371 -3.21 15.73 28.19
C PHE A 371 -3.95 17.04 27.83
N ASN A 372 -5.28 17.04 27.94
CA ASN A 372 -6.06 18.28 27.74
C ASN A 372 -5.69 19.09 26.48
N GLY A 373 -5.39 18.40 25.37
CA GLY A 373 -5.22 19.06 24.07
C GLY A 373 -3.80 19.51 23.76
N LYS A 374 -2.86 19.16 24.63
CA LYS A 374 -1.45 19.48 24.38
C LYS A 374 -0.90 18.75 23.14
N GLU A 375 -0.18 19.48 22.30
N GLU A 375 -0.18 19.48 22.29
CA GLU A 375 0.45 18.91 21.10
CA GLU A 375 0.46 18.92 21.10
C GLU A 375 1.64 18.06 21.48
C GLU A 375 1.64 18.06 21.50
N PRO A 376 1.67 16.78 21.05
CA PRO A 376 2.83 15.93 21.30
C PRO A 376 4.05 16.35 20.48
N CYS A 377 5.24 15.95 20.91
CA CYS A 377 6.42 16.04 20.09
C CYS A 377 6.41 14.84 19.15
N LYS A 378 6.18 15.09 17.87
CA LYS A 378 6.22 14.04 16.87
C LYS A 378 6.96 14.38 15.57
N ALA A 379 7.78 15.43 15.57
CA ALA A 379 8.47 15.92 14.37
C ALA A 379 9.57 14.97 13.86
N ILE A 380 10.00 14.06 14.71
CA ILE A 380 10.94 13.04 14.35
C ILE A 380 10.13 11.76 14.20
N ASN A 381 10.41 11.01 13.14
CA ASN A 381 9.79 9.72 12.95
C ASN A 381 9.86 8.94 14.23
N PRO A 382 8.71 8.47 14.75
CA PRO A 382 8.72 7.88 16.08
C PRO A 382 9.49 6.55 16.20
N ASP A 383 9.64 5.83 15.09
CA ASP A 383 10.49 4.66 15.12
C ASP A 383 11.96 4.96 14.80
N GLU A 384 12.28 6.24 14.63
CA GLU A 384 13.67 6.66 14.42
C GLU A 384 14.23 7.53 15.54
N ALA A 385 13.35 8.02 16.41
CA ALA A 385 13.74 8.97 17.46
C ALA A 385 14.84 8.44 18.38
N VAL A 386 14.75 7.17 18.74
CA VAL A 386 15.72 6.53 19.63
C VAL A 386 17.10 6.43 19.01
N ALA A 387 17.15 5.94 17.78
CA ALA A 387 18.41 5.84 17.06
C ALA A 387 18.99 7.24 16.89
N TYR A 388 18.13 8.21 16.57
CA TYR A 388 18.55 9.60 16.38
C TYR A 388 19.29 10.14 17.63
N GLY A 389 18.65 10.01 18.79
CA GLY A 389 19.23 10.42 20.07
C GLY A 389 20.49 9.65 20.44
N ALA A 390 20.50 8.36 20.12
CA ALA A 390 21.69 7.57 20.31
C ALA A 390 22.86 8.18 19.53
N ALA A 391 22.58 8.62 18.30
CA ALA A 391 23.64 9.10 17.42
C ALA A 391 24.18 10.47 17.84
N VAL A 392 23.30 11.36 18.31
CA VAL A 392 23.72 12.62 18.91
C VAL A 392 24.69 12.34 20.07
N GLN A 393 24.29 11.43 20.93
CA GLN A 393 25.10 11.05 22.07
C GLN A 393 26.41 10.41 21.63
N ALA A 394 26.39 9.56 20.62
CA ALA A 394 27.63 8.98 20.09
C ALA A 394 28.59 10.07 19.65
N ALA A 395 28.08 11.09 18.97
CA ALA A 395 28.89 12.19 18.48
C ALA A 395 29.50 13.03 19.64
N ILE A 396 28.71 13.32 20.67
CA ILE A 396 29.22 14.03 21.86
C ILE A 396 30.34 13.21 22.50
N LEU A 397 30.10 11.92 22.73
CA LEU A 397 31.15 11.06 23.32
C LEU A 397 32.34 10.87 22.40
N ASN A 398 32.16 11.12 21.09
CA ASN A 398 33.19 10.91 20.08
C ASN A 398 34.03 12.17 19.84
N GLY A 399 33.46 13.34 20.15
CA GLY A 399 34.13 14.64 19.96
C GLY A 399 33.23 15.63 19.23
N GLY B 19 15.20 -3.28 -7.94
CA GLY B 19 14.12 -3.42 -6.92
C GLY B 19 12.97 -4.31 -7.38
N PRO B 20 11.77 -4.09 -6.81
CA PRO B 20 10.62 -4.88 -7.18
C PRO B 20 10.10 -4.45 -8.53
N ALA B 21 9.26 -5.29 -9.12
CA ALA B 21 8.73 -5.07 -10.43
C ALA B 21 7.26 -4.76 -10.24
N ILE B 22 6.74 -3.90 -11.10
CA ILE B 22 5.37 -3.45 -10.96
C ILE B 22 4.54 -3.89 -12.16
N GLY B 23 3.24 -4.07 -11.95
CA GLY B 23 2.31 -4.29 -13.04
C GLY B 23 1.44 -3.07 -13.26
N ILE B 24 1.37 -2.61 -14.50
CA ILE B 24 0.61 -1.40 -14.83
C ILE B 24 -0.51 -1.67 -15.86
N ASP B 25 -1.73 -1.41 -15.42
CA ASP B 25 -2.88 -1.26 -16.27
C ASP B 25 -2.92 0.18 -16.74
N LEU B 26 -2.49 0.36 -17.99
CA LEU B 26 -2.56 1.60 -18.70
C LEU B 26 -3.90 1.65 -19.41
N GLY B 27 -4.93 2.06 -18.69
CA GLY B 27 -6.27 2.06 -19.26
C GLY B 27 -6.57 3.24 -20.15
N THR B 28 -7.67 3.12 -20.88
CA THR B 28 -8.20 4.20 -21.70
C THR B 28 -8.59 5.41 -20.89
N THR B 29 -9.33 5.20 -19.80
CA THR B 29 -9.80 6.29 -18.95
C THR B 29 -9.08 6.34 -17.58
N TYR B 30 -8.72 5.17 -17.02
CA TYR B 30 -8.00 5.08 -15.75
C TYR B 30 -6.81 4.15 -15.85
N SER B 31 -5.81 4.42 -15.01
CA SER B 31 -4.67 3.56 -14.88
C SER B 31 -4.49 3.18 -13.42
N CYS B 32 -3.76 2.08 -13.21
CA CYS B 32 -3.68 1.38 -11.95
C CYS B 32 -2.35 0.63 -11.90
N VAL B 33 -1.64 0.77 -10.77
CA VAL B 33 -0.40 0.01 -10.55
C VAL B 33 -0.57 -0.92 -9.36
N GLY B 34 -0.06 -2.13 -9.54
CA GLY B 34 -0.03 -3.14 -8.51
C GLY B 34 1.40 -3.63 -8.36
N VAL B 35 1.69 -4.16 -7.17
CA VAL B 35 2.99 -4.73 -6.89
C VAL B 35 2.78 -5.95 -6.00
N TRP B 36 3.41 -7.05 -6.40
CA TRP B 36 3.39 -8.29 -5.67
C TRP B 36 4.48 -8.28 -4.60
N ARG B 37 4.09 -8.63 -3.38
CA ARG B 37 4.96 -8.67 -2.22
C ARG B 37 4.48 -9.73 -1.25
N ASN B 38 5.36 -10.63 -0.83
CA ASN B 38 5.01 -11.63 0.20
C ASN B 38 3.74 -12.35 -0.05
N ASP B 39 3.59 -12.87 -1.26
CA ASP B 39 2.51 -13.80 -1.56
C ASP B 39 1.18 -13.07 -1.63
N THR B 40 1.26 -11.73 -1.80
CA THR B 40 0.08 -10.90 -1.96
C THR B 40 0.40 -9.76 -2.90
N VAL B 41 -0.67 -9.11 -3.36
CA VAL B 41 -0.58 -7.98 -4.25
C VAL B 41 -1.11 -6.75 -3.53
N ASP B 42 -0.34 -5.65 -3.59
CA ASP B 42 -0.79 -4.34 -3.14
C ASP B 42 -1.13 -3.54 -4.39
N ILE B 43 -2.24 -2.83 -4.37
CA ILE B 43 -2.55 -1.81 -5.37
C ILE B 43 -2.05 -0.45 -4.83
N VAL B 44 -1.25 0.27 -5.60
CA VAL B 44 -0.53 1.43 -5.09
C VAL B 44 -1.42 2.67 -5.06
N PRO B 45 -1.54 3.34 -3.91
CA PRO B 45 -2.36 4.55 -3.89
C PRO B 45 -1.60 5.72 -4.45
N ASN B 46 -2.30 6.66 -5.07
CA ASN B 46 -1.62 7.85 -5.58
C ASN B 46 -1.47 8.88 -4.45
N ASP B 47 -1.10 10.12 -4.79
CA ASP B 47 -0.85 11.13 -3.73
C ASP B 47 -2.12 11.51 -2.98
N GLN B 48 -3.28 11.38 -3.63
CA GLN B 48 -4.55 11.72 -2.96
C GLN B 48 -5.17 10.50 -2.28
N GLY B 49 -4.44 9.38 -2.25
CA GLY B 49 -4.94 8.13 -1.68
C GLY B 49 -5.73 7.24 -2.64
N ASN B 50 -5.89 7.68 -3.89
CA ASN B 50 -6.74 6.94 -4.82
C ASN B 50 -6.01 5.77 -5.50
N ARG B 51 -6.68 4.62 -5.56
CA ARG B 51 -6.06 3.40 -6.13
C ARG B 51 -6.06 3.34 -7.65
N THR B 52 -6.78 4.23 -8.30
CA THR B 52 -6.71 4.41 -9.75
C THR B 52 -6.52 5.90 -10.05
N THR B 53 -5.94 6.20 -11.21
CA THR B 53 -5.55 7.55 -11.60
C THR B 53 -6.04 7.83 -13.02
N PRO B 54 -6.75 8.96 -13.25
CA PRO B 54 -7.24 9.24 -14.60
C PRO B 54 -6.14 9.31 -15.65
N SER B 55 -6.34 8.67 -16.81
CA SER B 55 -5.37 8.73 -17.88
C SER B 55 -5.41 10.09 -18.59
N TYR B 56 -5.15 11.15 -17.83
CA TYR B 56 -5.22 12.51 -18.32
C TYR B 56 -3.88 13.21 -18.08
N VAL B 57 -3.54 14.11 -18.99
CA VAL B 57 -2.41 14.98 -18.84
C VAL B 57 -2.87 16.34 -19.31
N ALA B 58 -2.37 17.41 -18.69
CA ALA B 58 -2.75 18.76 -19.10
C ALA B 58 -1.52 19.64 -19.14
N PHE B 59 -1.55 20.62 -20.03
CA PHE B 59 -0.42 21.53 -20.24
C PHE B 59 -0.90 22.96 -20.06
N THR B 60 -0.17 23.74 -19.26
CA THR B 60 -0.52 25.14 -19.05
C THR B 60 0.69 26.01 -19.29
N GLU B 61 0.49 27.32 -19.13
CA GLU B 61 1.54 28.30 -19.25
C GLU B 61 2.70 28.13 -18.28
N THR B 62 2.49 27.38 -17.20
CA THR B 62 3.46 27.30 -16.11
C THR B 62 3.76 25.89 -15.62
N GLU B 63 3.00 24.88 -16.05
CA GLU B 63 3.21 23.54 -15.54
C GLU B 63 2.53 22.47 -16.40
N ARG B 64 2.88 21.22 -16.14
CA ARG B 64 2.13 20.11 -16.70
C ARG B 64 1.53 19.32 -15.56
N LEU B 65 0.35 18.75 -15.81
CA LEU B 65 -0.42 18.06 -14.80
C LEU B 65 -0.77 16.68 -15.30
N ILE B 66 -0.80 15.71 -14.39
CA ILE B 66 -1.11 14.33 -14.74
C ILE B 66 -2.14 13.84 -13.76
N GLY B 67 -3.09 13.04 -14.22
CA GLY B 67 -4.00 12.38 -13.30
C GLY B 67 -5.15 13.27 -12.92
N ASP B 68 -5.55 13.17 -11.66
CA ASP B 68 -6.69 13.94 -11.15
C ASP B 68 -6.50 15.44 -11.35
N ALA B 69 -5.28 15.94 -11.16
CA ALA B 69 -5.04 17.38 -11.27
C ALA B 69 -5.34 17.80 -12.71
N ALA B 70 -5.00 16.96 -13.68
CA ALA B 70 -5.28 17.28 -15.08
C ALA B 70 -6.78 17.22 -15.33
N LYS B 71 -7.45 16.19 -14.82
CA LYS B 71 -8.88 16.04 -15.08
C LYS B 71 -9.72 17.10 -14.39
N ASN B 72 -9.28 17.57 -13.22
CA ASN B 72 -9.95 18.64 -12.46
C ASN B 72 -9.97 20.04 -13.13
N GLN B 73 -9.12 20.28 -14.12
CA GLN B 73 -9.06 21.60 -14.75
C GLN B 73 -9.45 21.53 -16.21
N VAL B 74 -10.11 20.44 -16.58
CA VAL B 74 -10.41 20.17 -17.97
C VAL B 74 -11.33 21.22 -18.59
N ALA B 75 -12.27 21.77 -17.83
CA ALA B 75 -13.22 22.77 -18.36
C ALA B 75 -12.59 24.17 -18.58
N ARG B 76 -11.47 24.43 -17.90
CA ARG B 76 -10.80 25.73 -17.97
C ARG B 76 -9.73 25.73 -19.06
N ASN B 77 -9.40 24.56 -19.60
CA ASN B 77 -8.26 24.43 -20.52
C ASN B 77 -8.44 23.21 -21.42
N PRO B 78 -9.56 23.16 -22.15
CA PRO B 78 -9.93 21.97 -22.94
C PRO B 78 -8.98 21.64 -24.09
N GLU B 79 -8.45 22.67 -24.75
N GLU B 79 -8.44 22.66 -24.75
CA GLU B 79 -7.59 22.49 -25.92
CA GLU B 79 -7.60 22.45 -25.93
C GLU B 79 -6.25 21.85 -25.57
C GLU B 79 -6.24 21.84 -25.57
N ASN B 80 -5.84 21.97 -24.31
CA ASN B 80 -4.52 21.48 -23.84
C ASN B 80 -4.56 20.38 -22.78
N THR B 81 -5.73 19.77 -22.59
CA THR B 81 -5.92 18.67 -21.67
C THR B 81 -6.16 17.42 -22.50
N VAL B 82 -5.17 16.54 -22.53
CA VAL B 82 -5.21 15.40 -23.44
C VAL B 82 -5.70 14.16 -22.73
N PHE B 83 -6.60 13.43 -23.37
CA PHE B 83 -7.05 12.14 -22.87
C PHE B 83 -7.31 11.20 -24.06
N ASP B 84 -7.71 9.96 -23.78
CA ASP B 84 -7.94 8.92 -24.81
C ASP B 84 -6.69 8.67 -25.70
N ALA B 85 -5.48 8.93 -25.20
CA ALA B 85 -4.29 8.68 -26.00
C ALA B 85 -4.19 7.21 -26.41
N LYS B 86 -4.80 6.34 -25.62
CA LYS B 86 -4.79 4.90 -25.89
C LYS B 86 -5.47 4.59 -27.24
N ARG B 87 -6.45 5.43 -27.61
CA ARG B 87 -7.17 5.25 -28.87
C ARG B 87 -6.33 5.63 -30.08
N LEU B 88 -5.24 6.38 -29.87
CA LEU B 88 -4.32 6.81 -30.93
C LEU B 88 -3.02 6.01 -31.00
N ILE B 89 -2.62 5.45 -29.87
CA ILE B 89 -1.28 4.96 -29.69
C ILE B 89 -0.97 3.86 -30.68
N GLY B 90 0.06 4.05 -31.49
CA GLY B 90 0.51 3.00 -32.42
C GLY B 90 -0.33 2.88 -33.66
N ARG B 91 -1.20 3.84 -33.86
CA ARG B 91 -2.02 3.83 -35.06
C ARG B 91 -1.59 4.88 -36.03
N LYS B 92 -2.18 4.84 -37.23
N LYS B 92 -2.18 4.87 -37.22
CA LYS B 92 -1.90 5.81 -38.28
CA LYS B 92 -1.85 5.84 -38.24
C LYS B 92 -2.92 6.93 -38.26
C LYS B 92 -2.92 6.91 -38.32
N PHE B 93 -2.52 8.11 -38.72
CA PHE B 93 -3.40 9.28 -38.76
C PHE B 93 -4.64 9.10 -39.66
N ASP B 94 -4.47 8.32 -40.73
CA ASP B 94 -5.52 8.11 -41.73
C ASP B 94 -6.41 6.89 -41.51
N ASP B 95 -6.21 6.16 -40.41
CA ASP B 95 -7.18 5.15 -40.00
C ASP B 95 -8.50 5.85 -39.79
N GLN B 96 -9.55 5.29 -40.39
CA GLN B 96 -10.91 5.82 -40.27
C GLN B 96 -11.29 5.98 -38.82
N ALA B 97 -11.00 4.95 -38.02
CA ALA B 97 -11.22 4.98 -36.59
C ALA B 97 -10.59 6.22 -35.94
N VAL B 98 -9.37 6.57 -36.33
CA VAL B 98 -8.73 7.77 -35.76
C VAL B 98 -9.50 9.00 -36.21
N GLN B 99 -9.73 9.09 -37.52
CA GLN B 99 -10.41 10.24 -38.11
C GLN B 99 -11.76 10.51 -37.46
N SER B 100 -12.48 9.44 -37.15
CA SER B 100 -13.78 9.56 -36.51
C SER B 100 -13.64 10.10 -35.08
N ASP B 101 -12.78 9.46 -34.29
CA ASP B 101 -12.52 9.88 -32.90
C ASP B 101 -12.11 11.36 -32.81
N MET B 102 -11.26 11.79 -33.74
CA MET B 102 -10.73 13.15 -33.71
C MET B 102 -11.84 14.20 -33.59
N THR B 103 -12.97 13.95 -34.25
CA THR B 103 -14.11 14.88 -34.23
C THR B 103 -14.72 15.06 -32.83
N HIS B 104 -14.37 14.19 -31.88
CA HIS B 104 -14.92 14.23 -30.52
C HIS B 104 -13.95 14.73 -29.46
N TRP B 105 -12.76 15.18 -29.88
CA TRP B 105 -11.73 15.68 -28.94
C TRP B 105 -11.51 17.20 -29.11
N PRO B 106 -11.43 17.95 -28.00
CA PRO B 106 -11.07 19.39 -28.08
C PRO B 106 -9.60 19.65 -28.41
N PHE B 107 -8.70 18.72 -28.12
CA PHE B 107 -7.28 18.91 -28.43
C PHE B 107 -7.03 18.60 -29.91
N LYS B 108 -6.09 19.32 -30.49
CA LYS B 108 -5.74 19.19 -31.90
C LYS B 108 -4.91 17.93 -32.17
N VAL B 109 -5.17 17.28 -33.28
CA VAL B 109 -4.32 16.18 -33.75
C VAL B 109 -4.03 16.43 -35.23
N VAL B 110 -2.74 16.43 -35.61
CA VAL B 110 -2.35 16.67 -37.01
C VAL B 110 -1.52 15.52 -37.57
N ARG B 111 -1.40 15.46 -38.90
CA ARG B 111 -0.59 14.44 -39.55
C ARG B 111 0.89 14.76 -39.37
N GLY B 112 1.66 13.75 -39.01
CA GLY B 112 3.11 13.87 -38.94
C GLY B 112 3.72 12.92 -39.95
N PRO B 113 5.05 12.95 -40.06
CA PRO B 113 5.73 12.07 -41.02
C PRO B 113 5.39 10.59 -40.77
N LYS B 114 5.50 9.78 -41.82
N LYS B 114 5.47 9.77 -41.80
CA LYS B 114 5.13 8.36 -41.80
CA LYS B 114 5.16 8.34 -41.68
C LYS B 114 3.73 8.10 -41.24
C LYS B 114 3.72 8.08 -41.24
N ASP B 115 2.83 9.02 -41.55
CA ASP B 115 1.40 8.92 -41.19
C ASP B 115 1.14 8.78 -39.70
N LYS B 116 2.01 9.38 -38.89
CA LYS B 116 1.91 9.25 -37.44
C LYS B 116 1.05 10.41 -36.88
N PRO B 117 0.04 10.08 -36.06
CA PRO B 117 -0.74 11.16 -35.43
C PRO B 117 0.14 12.01 -34.49
N ILE B 118 -0.05 13.33 -34.51
CA ILE B 118 0.67 14.24 -33.60
C ILE B 118 -0.32 15.13 -32.86
N ILE B 119 -0.22 15.15 -31.51
CA ILE B 119 -1.09 15.99 -30.69
C ILE B 119 -0.44 17.37 -30.55
N SER B 120 -1.19 18.42 -30.85
CA SER B 120 -0.63 19.78 -30.77
C SER B 120 -1.31 20.57 -29.67
N VAL B 121 -0.51 21.13 -28.77
CA VAL B 121 -1.02 21.86 -27.63
C VAL B 121 -0.14 23.06 -27.37
N ASN B 122 -0.54 23.90 -26.42
CA ASN B 122 0.27 25.02 -25.97
C ASN B 122 0.79 24.65 -24.59
N TYR B 123 2.05 24.97 -24.32
CA TYR B 123 2.71 24.53 -23.11
C TYR B 123 3.90 25.47 -22.82
N LEU B 124 3.90 26.08 -21.64
CA LEU B 124 4.92 27.06 -21.26
C LEU B 124 5.04 28.18 -22.28
N GLY B 125 3.91 28.59 -22.83
CA GLY B 125 3.84 29.71 -23.76
C GLY B 125 4.34 29.47 -25.18
N GLU B 126 4.55 28.21 -25.56
N GLU B 126 4.59 28.23 -25.57
CA GLU B 126 5.03 27.86 -26.91
CA GLU B 126 5.01 27.91 -26.94
C GLU B 126 4.22 26.67 -27.43
C GLU B 126 4.28 26.66 -27.43
N LYS B 127 4.20 26.49 -28.75
CA LYS B 127 3.53 25.34 -29.37
C LYS B 127 4.34 24.10 -29.02
N LYS B 128 3.65 22.98 -28.77
CA LYS B 128 4.34 21.75 -28.43
C LYS B 128 3.64 20.56 -29.08
N GLU B 129 4.43 19.69 -29.71
CA GLU B 129 3.89 18.50 -30.33
C GLU B 129 4.28 17.27 -29.54
N PHE B 130 3.43 16.24 -29.59
CA PHE B 130 3.67 14.97 -28.91
C PHE B 130 3.07 13.81 -29.71
N HIS B 131 3.73 12.66 -29.70
CA HIS B 131 3.10 11.43 -30.13
C HIS B 131 2.22 10.90 -29.00
N ALA B 132 1.27 10.05 -29.33
CA ALA B 132 0.36 9.51 -28.32
C ALA B 132 1.13 8.78 -27.24
N GLU B 133 2.23 8.13 -27.63
CA GLU B 133 3.03 7.39 -26.67
C GLU B 133 3.79 8.30 -25.73
N GLU B 134 4.06 9.54 -26.14
CA GLU B 134 4.64 10.49 -25.21
C GLU B 134 3.61 10.93 -24.18
N ILE B 135 2.35 11.06 -24.56
CA ILE B 135 1.31 11.34 -23.55
C ILE B 135 1.19 10.14 -22.59
N SER B 136 1.06 8.94 -23.13
CA SER B 136 0.93 7.75 -22.27
C SER B 136 2.17 7.54 -21.38
N ALA B 137 3.33 7.95 -21.89
CA ALA B 137 4.56 7.89 -21.13
C ALA B 137 4.48 8.79 -19.89
N MET B 138 3.79 9.91 -19.99
CA MET B 138 3.64 10.81 -18.85
C MET B 138 2.79 10.16 -17.77
N VAL B 139 1.72 9.49 -18.22
CA VAL B 139 0.87 8.75 -17.33
C VAL B 139 1.66 7.61 -16.71
N LEU B 140 2.40 6.86 -17.54
CA LEU B 140 3.21 5.74 -17.03
C LEU B 140 4.28 6.20 -16.03
N GLN B 141 4.81 7.37 -16.27
CA GLN B 141 5.77 7.90 -15.37
C GLN B 141 5.16 8.35 -14.02
N LYS B 142 3.96 8.93 -14.04
CA LYS B 142 3.21 9.15 -12.82
C LYS B 142 3.00 7.87 -12.01
N MET B 143 2.63 6.78 -12.69
CA MET B 143 2.47 5.48 -12.05
C MET B 143 3.79 4.98 -11.44
N LYS B 144 4.88 5.20 -12.15
N LYS B 144 4.89 5.19 -12.16
CA LYS B 144 6.21 4.85 -11.68
CA LYS B 144 6.19 4.85 -11.64
C LYS B 144 6.58 5.66 -10.42
C LYS B 144 6.45 5.63 -10.35
N GLU B 145 6.25 6.94 -10.41
CA GLU B 145 6.53 7.81 -9.26
C GLU B 145 5.70 7.45 -8.04
N ILE B 146 4.42 7.20 -8.22
CA ILE B 146 3.61 6.85 -7.06
C ILE B 146 4.05 5.52 -6.46
N SER B 147 4.54 4.61 -7.31
CA SER B 147 5.05 3.32 -6.85
C SER B 147 6.36 3.51 -6.08
N GLU B 148 7.24 4.35 -6.61
CA GLU B 148 8.50 4.64 -5.94
C GLU B 148 8.30 5.20 -4.55
N ALA B 149 7.37 6.16 -4.42
CA ALA B 149 6.98 6.72 -3.13
C ALA B 149 6.48 5.64 -2.18
N TYR B 150 5.61 4.78 -2.70
CA TYR B 150 4.91 3.81 -1.87
C TYR B 150 5.86 2.74 -1.39
N LEU B 151 6.76 2.34 -2.28
CA LEU B 151 7.71 1.28 -1.97
C LEU B 151 8.99 1.78 -1.35
N GLY B 152 9.20 3.09 -1.38
CA GLY B 152 10.45 3.67 -0.90
C GLY B 152 11.72 3.26 -1.63
N ARG B 153 11.62 3.01 -2.92
CA ARG B 153 12.81 2.68 -3.71
C ARG B 153 12.57 2.88 -5.19
N GLN B 154 13.65 3.04 -5.92
CA GLN B 154 13.55 3.19 -7.36
C GLN B 154 12.97 1.93 -8.04
N ILE B 155 12.16 2.14 -9.05
CA ILE B 155 11.52 1.07 -9.81
C ILE B 155 11.74 1.29 -11.28
N LYS B 156 12.18 0.22 -11.96
CA LYS B 156 12.39 0.20 -13.39
C LYS B 156 11.59 -0.91 -14.10
N ASN B 157 11.57 -2.11 -13.53
CA ASN B 157 10.97 -3.23 -14.21
C ASN B 157 9.46 -3.24 -14.09
N ALA B 158 8.81 -3.40 -15.24
CA ALA B 158 7.36 -3.41 -15.32
C ALA B 158 6.82 -4.38 -16.39
N VAL B 159 5.59 -4.82 -16.12
CA VAL B 159 4.71 -5.38 -17.11
C VAL B 159 3.58 -4.37 -17.32
N VAL B 160 3.29 -4.11 -18.59
CA VAL B 160 2.23 -3.22 -19.00
C VAL B 160 1.25 -4.01 -19.88
N THR B 161 -0.03 -3.77 -19.65
CA THR B 161 -1.11 -4.53 -20.22
C THR B 161 -1.67 -3.76 -21.39
N VAL B 162 -2.17 -4.49 -22.38
CA VAL B 162 -2.86 -3.92 -23.55
C VAL B 162 -4.09 -4.79 -23.90
N PRO B 163 -5.06 -4.24 -24.65
CA PRO B 163 -6.17 -5.04 -25.15
C PRO B 163 -5.71 -6.23 -26.02
N ALA B 164 -6.44 -7.34 -25.94
CA ALA B 164 -6.08 -8.53 -26.74
C ALA B 164 -5.99 -8.27 -28.26
N TYR B 165 -6.75 -7.30 -28.77
CA TYR B 165 -6.82 -7.02 -30.21
C TYR B 165 -5.76 -6.03 -30.68
N PHE B 166 -4.90 -5.56 -29.79
CA PHE B 166 -3.84 -4.63 -30.19
C PHE B 166 -2.92 -5.34 -31.15
N ASN B 167 -2.42 -4.62 -32.14
CA ASN B 167 -1.54 -5.19 -33.15
C ASN B 167 -0.10 -4.89 -32.76
N ASP B 168 0.85 -5.40 -33.55
CA ASP B 168 2.27 -5.21 -33.23
C ASP B 168 2.63 -3.74 -33.04
N SER B 169 2.05 -2.89 -33.88
CA SER B 169 2.38 -1.47 -33.83
C SER B 169 1.98 -0.89 -32.49
N GLN B 170 0.71 -1.09 -32.14
CA GLN B 170 0.13 -0.58 -30.91
C GLN B 170 0.86 -1.11 -29.68
N ARG B 171 1.24 -2.39 -29.72
CA ARG B 171 2.05 -3.02 -28.69
C ARG B 171 3.45 -2.41 -28.61
N GLN B 172 4.13 -2.16 -29.73
CA GLN B 172 5.48 -1.59 -29.63
C GLN B 172 5.42 -0.13 -29.16
N ALA B 173 4.39 0.60 -29.58
CA ALA B 173 4.25 2.00 -29.17
C ALA B 173 3.97 2.12 -27.66
N THR B 174 3.23 1.16 -27.13
CA THR B 174 2.93 1.10 -25.71
C THR B 174 4.23 0.78 -24.97
N LYS B 175 5.03 -0.14 -25.50
CA LYS B 175 6.32 -0.44 -24.92
C LYS B 175 7.23 0.80 -24.95
N ASP B 176 7.13 1.56 -26.02
CA ASP B 176 7.88 2.81 -26.15
C ASP B 176 7.48 3.86 -25.13
N ALA B 177 6.18 4.00 -24.87
CA ALA B 177 5.70 4.85 -23.79
C ALA B 177 6.37 4.45 -22.45
N GLY B 178 6.45 3.15 -22.18
CA GLY B 178 7.16 2.67 -21.00
C GLY B 178 8.61 3.12 -21.01
N ALA B 179 9.24 2.94 -22.16
CA ALA B 179 10.64 3.28 -22.34
C ALA B 179 10.91 4.78 -22.11
N ILE B 180 10.04 5.63 -22.63
CA ILE B 180 10.16 7.10 -22.47
C ILE B 180 9.99 7.52 -20.98
N ALA B 181 9.17 6.77 -20.26
CA ALA B 181 8.98 6.92 -18.83
C ALA B 181 10.10 6.31 -17.97
N GLY B 182 11.12 5.74 -18.62
CA GLY B 182 12.23 5.11 -17.92
C GLY B 182 11.92 3.75 -17.31
N LEU B 183 10.96 3.05 -17.89
CA LEU B 183 10.64 1.70 -17.45
C LEU B 183 11.25 0.69 -18.41
N ASN B 184 11.79 -0.37 -17.83
CA ASN B 184 12.13 -1.55 -18.60
C ASN B 184 10.86 -2.38 -18.62
N VAL B 185 10.18 -2.38 -19.75
CA VAL B 185 8.96 -3.15 -19.90
C VAL B 185 9.39 -4.59 -20.24
N MET B 186 9.25 -5.47 -19.26
CA MET B 186 9.70 -6.85 -19.40
C MET B 186 8.81 -7.59 -20.41
N ARG B 187 7.53 -7.27 -20.42
N ARG B 187 7.51 -7.34 -20.36
CA ARG B 187 6.59 -7.93 -21.30
CA ARG B 187 6.57 -7.89 -21.31
C ARG B 187 5.32 -7.09 -21.40
C ARG B 187 5.35 -7.02 -21.42
N ILE B 188 4.77 -7.02 -22.60
CA ILE B 188 3.46 -6.46 -22.84
C ILE B 188 2.55 -7.66 -22.87
N ILE B 189 1.53 -7.70 -22.01
CA ILE B 189 0.60 -8.82 -22.00
C ILE B 189 -0.84 -8.37 -22.19
N ASN B 190 -1.67 -9.28 -22.68
CA ASN B 190 -3.08 -9.00 -22.89
C ASN B 190 -3.79 -8.74 -21.58
N GLU B 191 -4.62 -7.71 -21.55
CA GLU B 191 -5.45 -7.41 -20.40
C GLU B 191 -6.23 -8.63 -19.90
N PRO B 192 -6.98 -9.31 -20.77
CA PRO B 192 -7.77 -10.42 -20.24
C PRO B 192 -6.92 -11.57 -19.70
N THR B 193 -5.74 -11.80 -20.25
CA THR B 193 -4.82 -12.77 -19.68
C THR B 193 -4.40 -12.31 -18.27
N ALA B 194 -4.10 -11.01 -18.14
CA ALA B 194 -3.81 -10.44 -16.85
C ALA B 194 -4.90 -10.77 -15.83
N ALA B 195 -6.17 -10.52 -16.19
CA ALA B 195 -7.30 -10.74 -15.27
C ALA B 195 -7.38 -12.21 -14.81
N ALA B 196 -7.22 -13.13 -15.73
CA ALA B 196 -7.25 -14.56 -15.42
C ALA B 196 -6.08 -14.93 -14.53
N ILE B 197 -4.92 -14.32 -14.80
CA ILE B 197 -3.77 -14.54 -13.93
C ILE B 197 -4.11 -14.09 -12.51
N ALA B 198 -4.84 -12.97 -12.40
CA ALA B 198 -5.24 -12.40 -11.12
C ALA B 198 -6.07 -13.37 -10.28
N TYR B 199 -6.92 -14.18 -10.92
CA TYR B 199 -7.75 -15.13 -10.18
C TYR B 199 -7.14 -16.53 -10.07
N GLY B 200 -5.87 -16.68 -10.48
CA GLY B 200 -5.15 -17.93 -10.32
C GLY B 200 -5.74 -19.06 -11.16
N LEU B 201 -6.38 -18.67 -12.26
CA LEU B 201 -7.14 -19.61 -13.07
C LEU B 201 -6.27 -20.69 -13.75
N ASP B 202 -4.98 -20.41 -13.93
CA ASP B 202 -4.04 -21.39 -14.45
C ASP B 202 -3.52 -22.36 -13.37
N LYS B 203 -4.18 -22.37 -12.22
CA LYS B 203 -3.79 -23.24 -11.10
C LYS B 203 -5.02 -23.73 -10.35
N LYS B 204 -6.16 -23.80 -11.05
CA LYS B 204 -7.44 -24.16 -10.44
C LYS B 204 -7.74 -25.61 -10.77
N GLY B 205 -6.86 -26.50 -10.32
CA GLY B 205 -6.95 -27.91 -10.67
C GLY B 205 -6.02 -28.20 -11.82
N THR B 206 -6.46 -29.06 -12.74
CA THR B 206 -5.63 -29.56 -13.84
C THR B 206 -6.39 -29.74 -15.17
N GLY B 207 -5.63 -29.76 -16.27
CA GLY B 207 -6.18 -29.94 -17.62
C GLY B 207 -6.65 -28.64 -18.24
N GLU B 208 -7.22 -28.74 -19.43
CA GLU B 208 -7.74 -27.57 -20.14
C GLU B 208 -8.78 -26.82 -19.31
N ARG B 209 -8.81 -25.51 -19.50
CA ARG B 209 -9.79 -24.65 -18.85
C ARG B 209 -10.11 -23.49 -19.77
N ASN B 210 -11.40 -23.19 -19.89
CA ASN B 210 -11.90 -22.08 -20.69
C ASN B 210 -12.46 -20.99 -19.79
N VAL B 211 -12.17 -19.74 -20.14
CA VAL B 211 -12.41 -18.59 -19.27
C VAL B 211 -13.05 -17.49 -20.10
N LEU B 212 -14.13 -16.89 -19.60
CA LEU B 212 -14.64 -15.67 -20.26
C LEU B 212 -14.35 -14.46 -19.40
N ILE B 213 -13.65 -13.51 -19.98
CA ILE B 213 -13.40 -12.26 -19.34
C ILE B 213 -14.46 -11.32 -19.86
N PHE B 214 -15.23 -10.72 -18.96
CA PHE B 214 -16.23 -9.66 -19.28
C PHE B 214 -15.71 -8.33 -18.73
N ASP B 215 -15.26 -7.45 -19.62
CA ASP B 215 -14.51 -6.25 -19.24
C ASP B 215 -15.15 -4.96 -19.72
N LEU B 216 -15.94 -4.33 -18.85
CA LEU B 216 -16.64 -3.09 -19.18
C LEU B 216 -16.03 -1.96 -18.40
N GLY B 217 -15.28 -1.12 -19.10
CA GLY B 217 -14.58 -0.01 -18.49
C GLY B 217 -15.33 1.31 -18.53
N GLY B 218 -14.58 2.40 -18.65
CA GLY B 218 -15.13 3.74 -18.68
C GLY B 218 -15.33 4.24 -20.09
N GLY B 219 -14.67 3.59 -21.04
CA GLY B 219 -14.85 3.94 -22.45
C GLY B 219 -15.07 2.77 -23.35
N THR B 220 -14.67 1.57 -22.91
CA THR B 220 -14.68 0.41 -23.78
C THR B 220 -15.34 -0.80 -23.13
N PHE B 221 -15.85 -1.68 -23.99
CA PHE B 221 -16.43 -2.93 -23.56
C PHE B 221 -15.72 -4.04 -24.31
N ASP B 222 -15.09 -4.97 -23.56
CA ASP B 222 -14.33 -6.05 -24.19
C ASP B 222 -14.63 -7.41 -23.58
N VAL B 223 -14.92 -8.37 -24.44
CA VAL B 223 -15.21 -9.73 -24.02
C VAL B 223 -14.21 -10.64 -24.70
N SER B 224 -13.63 -11.55 -23.92
CA SER B 224 -12.55 -12.39 -24.42
C SER B 224 -12.67 -13.84 -23.97
N LEU B 225 -12.48 -14.76 -24.90
CA LEU B 225 -12.53 -16.18 -24.60
C LEU B 225 -11.12 -16.74 -24.69
N LEU B 226 -10.63 -17.27 -23.56
CA LEU B 226 -9.27 -17.76 -23.45
C LEU B 226 -9.30 -19.23 -23.13
N THR B 227 -8.25 -19.94 -23.52
CA THR B 227 -8.05 -21.32 -23.08
C THR B 227 -6.75 -21.38 -22.29
N ILE B 228 -6.65 -22.36 -21.37
CA ILE B 228 -5.37 -22.62 -20.67
C ILE B 228 -5.01 -24.09 -20.84
N GLU B 229 -3.98 -24.33 -21.64
CA GLU B 229 -3.60 -25.68 -22.03
C GLU B 229 -2.13 -25.83 -21.72
N ASP B 230 -1.80 -26.88 -20.95
CA ASP B 230 -0.45 -27.04 -20.40
C ASP B 230 0.08 -25.75 -19.75
N GLY B 231 -0.80 -25.05 -19.05
CA GLY B 231 -0.45 -23.81 -18.35
C GLY B 231 -0.27 -22.56 -19.21
N ILE B 232 -0.59 -22.65 -20.49
CA ILE B 232 -0.33 -21.58 -21.44
C ILE B 232 -1.64 -20.92 -21.83
N PHE B 233 -1.62 -19.60 -21.93
CA PHE B 233 -2.82 -18.83 -22.22
C PHE B 233 -2.92 -18.55 -23.72
N GLU B 234 -4.11 -18.78 -24.27
CA GLU B 234 -4.38 -18.49 -25.67
C GLU B 234 -5.70 -17.76 -25.75
N VAL B 235 -5.68 -16.55 -26.29
CA VAL B 235 -6.93 -15.85 -26.59
C VAL B 235 -7.49 -16.53 -27.81
N LYS B 236 -8.70 -17.06 -27.69
CA LYS B 236 -9.31 -17.78 -28.78
C LYS B 236 -10.15 -16.89 -29.66
N ALA B 237 -10.99 -16.04 -29.04
CA ALA B 237 -11.87 -15.13 -29.79
C ALA B 237 -12.13 -13.85 -28.99
N THR B 238 -12.28 -12.74 -29.70
CA THR B 238 -12.57 -11.45 -29.06
C THR B 238 -13.74 -10.77 -29.72
N ALA B 239 -14.44 -9.99 -28.93
CA ALA B 239 -15.56 -9.22 -29.41
C ALA B 239 -15.77 -8.06 -28.45
N GLY B 240 -16.56 -7.09 -28.88
CA GLY B 240 -16.99 -6.02 -27.99
C GLY B 240 -17.40 -4.75 -28.71
N ASP B 241 -17.25 -3.63 -28.01
CA ASP B 241 -17.60 -2.31 -28.54
C ASP B 241 -16.66 -1.28 -27.90
N THR B 242 -15.76 -0.74 -28.71
CA THR B 242 -14.74 0.19 -28.25
C THR B 242 -15.27 1.61 -28.03
N HIS B 243 -16.59 1.81 -28.15
CA HIS B 243 -17.19 3.10 -27.84
C HIS B 243 -18.39 2.89 -26.92
N LEU B 244 -18.26 1.93 -26.01
CA LEU B 244 -19.28 1.63 -25.03
C LEU B 244 -18.60 1.52 -23.68
N GLY B 245 -19.02 2.35 -22.73
CA GLY B 245 -18.58 2.21 -21.36
C GLY B 245 -19.11 3.31 -20.45
N GLY B 246 -18.52 3.37 -19.25
CA GLY B 246 -18.96 4.26 -18.17
C GLY B 246 -19.27 5.70 -18.51
N GLU B 247 -18.45 6.31 -19.37
CA GLU B 247 -18.66 7.70 -19.83
C GLU B 247 -19.97 7.87 -20.64
N ASP B 248 -20.39 6.81 -21.34
CA ASP B 248 -21.64 6.88 -22.11
C ASP B 248 -22.84 6.83 -21.16
N PHE B 249 -22.68 6.19 -19.99
CA PHE B 249 -23.75 6.09 -19.00
C PHE B 249 -23.87 7.40 -18.24
N ASP B 250 -22.74 8.08 -18.05
CA ASP B 250 -22.76 9.46 -17.57
C ASP B 250 -23.52 10.36 -18.57
N ASN B 251 -23.21 10.21 -19.86
CA ASN B 251 -23.82 11.05 -20.90
C ASN B 251 -25.34 10.99 -20.81
N ARG B 252 -25.88 9.78 -20.64
CA ARG B 252 -27.34 9.59 -20.53
C ARG B 252 -27.90 10.28 -19.29
N LEU B 253 -27.20 10.19 -18.16
CA LEU B 253 -27.54 10.97 -16.96
C LEU B 253 -27.48 12.47 -17.24
N VAL B 254 -26.42 12.88 -17.93
CA VAL B 254 -26.20 14.29 -18.20
C VAL B 254 -27.28 14.87 -19.12
N GLU B 255 -27.56 14.15 -20.20
N GLU B 255 -27.60 14.17 -20.20
CA GLU B 255 -28.59 14.52 -21.19
CA GLU B 255 -28.58 14.69 -21.15
C GLU B 255 -29.98 14.68 -20.55
C GLU B 255 -30.02 14.68 -20.57
N PHE B 256 -30.27 13.83 -19.58
CA PHE B 256 -31.56 13.84 -18.87
C PHE B 256 -31.70 15.08 -17.97
N CYS B 257 -30.64 15.40 -17.24
CA CYS B 257 -30.61 16.57 -16.37
C CYS B 257 -30.68 17.86 -17.17
N VAL B 258 -30.14 17.82 -18.39
CA VAL B 258 -30.18 18.97 -19.30
C VAL B 258 -31.63 19.30 -19.71
N GLN B 259 -32.39 18.27 -20.07
CA GLN B 259 -33.79 18.42 -20.47
C GLN B 259 -34.67 18.73 -19.26
N ASP B 260 -34.36 18.11 -18.12
CA ASP B 260 -35.04 18.42 -16.87
C ASP B 260 -34.78 19.89 -16.43
N PHE B 261 -33.60 20.43 -16.73
CA PHE B 261 -33.30 21.85 -16.44
C PHE B 261 -34.02 22.79 -17.39
N LYS B 262 -34.16 22.38 -18.65
CA LYS B 262 -34.95 23.13 -19.64
C LYS B 262 -36.43 23.19 -19.27
N ARG B 263 -37.03 22.02 -19.02
CA ARG B 263 -38.44 21.92 -18.67
C ARG B 263 -38.79 22.54 -17.31
N LYS B 264 -37.78 22.74 -16.46
CA LYS B 264 -37.98 23.32 -15.13
C LYS B 264 -37.71 24.82 -15.09
N ASN B 265 -37.06 25.36 -16.13
CA ASN B 265 -36.75 26.80 -16.19
C ASN B 265 -36.68 27.33 -17.62
N ARG B 266 -37.87 27.57 -18.19
CA ARG B 266 -38.02 28.25 -19.49
C ARG B 266 -37.04 27.83 -20.59
N GLY B 267 -36.79 26.53 -20.72
CA GLY B 267 -36.00 25.98 -21.81
C GLY B 267 -34.56 26.45 -21.88
N MET B 268 -33.90 26.56 -20.73
CA MET B 268 -32.51 27.01 -20.68
C MET B 268 -31.54 25.86 -20.96
N ASP B 269 -30.87 25.93 -22.11
CA ASP B 269 -29.88 24.92 -22.52
C ASP B 269 -28.52 25.21 -21.87
N LEU B 270 -28.26 24.53 -20.76
CA LEU B 270 -27.04 24.77 -19.98
C LEU B 270 -25.75 24.23 -20.61
N THR B 271 -25.87 23.50 -21.72
CA THR B 271 -24.69 23.05 -22.48
C THR B 271 -23.90 24.21 -23.11
N THR B 272 -24.47 25.42 -23.09
CA THR B 272 -23.76 26.63 -23.53
C THR B 272 -22.56 26.96 -22.64
N ASN B 273 -22.72 26.79 -21.32
CA ASN B 273 -21.64 27.02 -20.36
C ASN B 273 -20.89 25.74 -20.04
N ALA B 274 -19.73 25.55 -20.69
CA ALA B 274 -18.89 24.34 -20.54
C ALA B 274 -18.53 24.03 -19.09
N ARG B 275 -18.43 25.07 -18.27
CA ARG B 275 -18.15 24.95 -16.85
C ARG B 275 -19.32 24.32 -16.10
N ALA B 276 -20.51 24.85 -16.31
CA ALA B 276 -21.71 24.32 -15.66
C ALA B 276 -21.99 22.87 -16.09
N LEU B 277 -21.61 22.53 -17.31
CA LEU B 277 -21.75 21.16 -17.83
C LEU B 277 -20.82 20.20 -17.09
N ARG B 278 -19.60 20.66 -16.82
CA ARG B 278 -18.61 19.87 -16.09
C ARG B 278 -19.07 19.68 -14.64
N ARG B 279 -19.45 20.77 -13.99
CA ARG B 279 -20.02 20.68 -12.65
C ARG B 279 -21.13 19.65 -12.61
N LEU B 280 -22.05 19.74 -13.58
CA LEU B 280 -23.13 18.79 -13.71
C LEU B 280 -22.61 17.37 -13.89
N ARG B 281 -21.67 17.20 -14.82
CA ARG B 281 -21.16 15.87 -15.17
C ARG B 281 -20.46 15.22 -13.99
N THR B 282 -19.69 16.00 -13.23
CA THR B 282 -18.95 15.47 -12.08
C THR B 282 -19.92 14.89 -11.02
N GLN B 283 -21.07 15.54 -10.82
CA GLN B 283 -22.05 15.04 -9.85
C GLN B 283 -22.87 13.85 -10.36
N CYS B 284 -22.97 13.70 -11.68
CA CYS B 284 -23.67 12.54 -12.23
C CYS B 284 -22.79 11.30 -12.06
N GLU B 285 -21.52 11.41 -12.46
CA GLU B 285 -20.52 10.38 -12.17
C GLU B 285 -20.69 9.94 -10.72
N ARG B 286 -20.66 10.91 -9.81
CA ARG B 286 -20.80 10.68 -8.38
CA ARG B 286 -20.80 10.66 -8.37
C ARG B 286 -22.01 9.79 -8.11
N ALA B 287 -23.18 10.25 -8.57
CA ALA B 287 -24.44 9.57 -8.36
C ALA B 287 -24.44 8.17 -8.95
N LYS B 288 -24.00 8.03 -10.19
CA LYS B 288 -23.90 6.72 -10.83
C LYS B 288 -23.30 5.72 -9.87
N ARG B 289 -22.14 6.09 -9.32
CA ARG B 289 -21.41 5.23 -8.39
C ARG B 289 -22.21 4.97 -7.13
N THR B 290 -22.85 6.02 -6.62
CA THR B 290 -23.78 5.89 -5.50
C THR B 290 -24.86 4.84 -5.81
N LEU B 291 -25.32 4.81 -7.06
CA LEU B 291 -26.38 3.88 -7.48
C LEU B 291 -25.90 2.44 -7.75
N SER B 292 -24.62 2.17 -7.51
CA SER B 292 -24.15 0.79 -7.50
C SER B 292 -24.19 0.18 -6.08
N SER B 293 -24.50 1.02 -5.09
CA SER B 293 -24.59 0.58 -3.69
C SER B 293 -25.93 0.96 -3.04
N SER B 294 -26.33 2.22 -3.20
N SER B 294 -26.34 2.22 -3.19
CA SER B 294 -27.61 2.73 -2.68
CA SER B 294 -27.62 2.69 -2.67
C SER B 294 -28.67 2.71 -3.77
C SER B 294 -28.68 2.70 -3.77
N THR B 295 -29.94 2.72 -3.36
CA THR B 295 -31.08 2.75 -4.30
C THR B 295 -31.35 4.15 -4.86
N GLN B 296 -31.02 5.18 -4.10
CA GLN B 296 -31.25 6.56 -4.51
C GLN B 296 -29.96 7.37 -4.40
N ALA B 297 -29.84 8.40 -5.23
CA ALA B 297 -28.75 9.37 -5.14
C ALA B 297 -29.31 10.79 -5.25
N THR B 298 -28.59 11.76 -4.69
CA THR B 298 -29.02 13.15 -4.72
C THR B 298 -27.98 14.05 -5.38
N ILE B 299 -28.43 14.83 -6.36
CA ILE B 299 -27.64 15.92 -6.93
C ILE B 299 -28.12 17.24 -6.32
N GLU B 300 -27.17 18.10 -5.95
CA GLU B 300 -27.49 19.40 -5.36
C GLU B 300 -26.34 20.38 -5.57
N LEU B 301 -26.49 21.29 -6.55
CA LEU B 301 -25.45 22.23 -6.95
C LEU B 301 -25.94 23.69 -6.92
N ASP B 302 -25.14 24.59 -6.35
CA ASP B 302 -25.48 26.02 -6.26
C ASP B 302 -25.15 26.79 -7.54
N SER B 303 -25.94 27.83 -7.82
CA SER B 303 -25.64 28.79 -8.91
C SER B 303 -25.12 28.11 -10.18
N LEU B 304 -25.88 27.14 -10.69
CA LEU B 304 -25.43 26.26 -11.77
C LEU B 304 -25.38 26.97 -13.13
N TYR B 305 -26.53 27.47 -13.58
CA TYR B 305 -26.60 28.22 -14.83
C TYR B 305 -27.48 29.46 -14.65
N GLU B 306 -26.88 30.63 -14.90
CA GLU B 306 -27.55 31.92 -14.77
C GLU B 306 -28.01 32.19 -13.33
N GLY B 307 -27.20 31.74 -12.37
CA GLY B 307 -27.47 31.96 -10.95
C GLY B 307 -28.57 31.10 -10.32
N ILE B 308 -29.16 30.20 -11.11
CA ILE B 308 -30.28 29.36 -10.64
C ILE B 308 -29.75 28.04 -10.10
N ASP B 309 -30.23 27.66 -8.91
CA ASP B 309 -29.80 26.45 -8.25
C ASP B 309 -30.49 25.23 -8.84
N TYR B 310 -29.88 24.06 -8.68
CA TYR B 310 -30.39 22.80 -9.23
C TYR B 310 -30.44 21.67 -8.20
N SER B 311 -31.44 20.80 -8.34
CA SER B 311 -31.68 19.70 -7.41
C SER B 311 -32.46 18.58 -8.12
N VAL B 312 -32.14 17.34 -7.83
CA VAL B 312 -32.91 16.18 -8.34
C VAL B 312 -32.54 14.86 -7.65
N ALA B 313 -33.54 14.03 -7.41
CA ALA B 313 -33.33 12.66 -6.92
C ALA B 313 -33.37 11.68 -8.10
N ILE B 314 -32.29 10.92 -8.28
CA ILE B 314 -32.21 9.92 -9.34
C ILE B 314 -32.17 8.50 -8.77
N SER B 315 -33.15 7.68 -9.17
CA SER B 315 -33.27 6.30 -8.72
C SER B 315 -32.43 5.36 -9.57
N ARG B 316 -32.13 4.19 -9.01
CA ARG B 316 -31.45 3.12 -9.75
C ARG B 316 -32.24 2.75 -11.01
N ALA B 317 -33.56 2.63 -10.87
CA ALA B 317 -34.44 2.28 -12.00
C ALA B 317 -34.36 3.32 -13.10
N ARG B 318 -34.54 4.58 -12.72
CA ARG B 318 -34.37 5.70 -13.63
C ARG B 318 -33.10 5.52 -14.47
N PHE B 319 -32.00 5.21 -13.79
CA PHE B 319 -30.71 5.04 -14.46
C PHE B 319 -30.71 3.88 -15.45
N GLU B 320 -31.27 2.74 -15.05
CA GLU B 320 -31.31 1.54 -15.91
C GLU B 320 -32.08 1.75 -17.22
N GLU B 321 -33.15 2.53 -17.17
CA GLU B 321 -33.97 2.81 -18.36
C GLU B 321 -33.27 3.76 -19.32
N LEU B 322 -32.52 4.72 -18.77
CA LEU B 322 -31.73 5.64 -19.58
C LEU B 322 -30.61 4.90 -20.32
N CYS B 323 -30.07 3.86 -19.71
CA CYS B 323 -29.00 3.07 -20.32
C CYS B 323 -29.45 1.65 -20.65
N ALA B 324 -30.74 1.47 -20.93
CA ALA B 324 -31.34 0.14 -21.10
C ALA B 324 -30.82 -0.58 -22.35
N ASP B 325 -30.72 0.16 -23.45
CA ASP B 325 -30.13 -0.34 -24.69
C ASP B 325 -28.64 -0.73 -24.53
N TYR B 326 -27.89 0.08 -23.79
CA TYR B 326 -26.47 -0.19 -23.59
C TYR B 326 -26.21 -1.48 -22.84
N PHE B 327 -27.04 -1.78 -21.84
CA PHE B 327 -26.85 -2.98 -21.02
C PHE B 327 -27.20 -4.27 -21.77
N ARG B 328 -28.20 -4.22 -22.65
CA ARG B 328 -28.60 -5.38 -23.46
C ARG B 328 -27.56 -5.74 -24.53
N ALA B 329 -26.89 -4.73 -25.06
CA ALA B 329 -25.86 -4.92 -26.09
C ALA B 329 -24.56 -5.47 -25.50
N THR B 330 -24.54 -5.70 -24.18
CA THR B 330 -23.40 -6.34 -23.53
C THR B 330 -23.43 -7.87 -23.67
N LEU B 331 -24.54 -8.42 -24.15
CA LEU B 331 -24.65 -9.86 -24.28
C LEU B 331 -24.31 -10.37 -25.68
N ALA B 332 -24.55 -9.54 -26.71
CA ALA B 332 -24.28 -9.96 -28.09
C ALA B 332 -22.79 -10.31 -28.35
N PRO B 333 -21.86 -9.58 -27.72
CA PRO B 333 -20.45 -9.95 -27.91
C PRO B 333 -20.00 -11.17 -27.11
N VAL B 334 -20.80 -11.56 -26.11
CA VAL B 334 -20.49 -12.74 -25.30
C VAL B 334 -20.92 -13.97 -26.09
N GLU B 335 -22.10 -13.88 -26.69
CA GLU B 335 -22.60 -14.88 -27.63
C GLU B 335 -21.66 -15.03 -28.83
N LYS B 336 -21.08 -13.91 -29.27
CA LYS B 336 -20.20 -13.85 -30.43
C LYS B 336 -18.92 -14.65 -30.26
N VAL B 337 -18.23 -14.44 -29.15
CA VAL B 337 -16.94 -15.09 -28.95
C VAL B 337 -17.12 -16.61 -28.83
N LEU B 338 -18.17 -17.04 -28.17
CA LEU B 338 -18.45 -18.47 -28.01
C LEU B 338 -18.69 -19.15 -29.37
N LYS B 339 -19.38 -18.45 -30.27
CA LYS B 339 -19.60 -18.95 -31.64
C LYS B 339 -18.31 -19.00 -32.46
N ASP B 340 -17.40 -18.06 -32.22
CA ASP B 340 -16.14 -18.01 -32.97
C ASP B 340 -15.21 -19.16 -32.58
N GLY B 342 -16.06 -21.90 -31.44
CA GLY B 342 -17.29 -22.67 -31.42
C GLY B 342 -17.40 -23.40 -30.09
N MET B 343 -18.32 -22.95 -29.23
CA MET B 343 -18.37 -23.43 -27.84
C MET B 343 -19.72 -23.09 -27.17
N ASP B 344 -20.14 -23.94 -26.22
CA ASP B 344 -21.35 -23.71 -25.42
C ASP B 344 -20.98 -23.01 -24.11
N LYS B 345 -21.78 -22.03 -23.70
CA LYS B 345 -21.50 -21.26 -22.48
C LYS B 345 -21.24 -22.16 -21.27
N ARG B 346 -21.94 -23.29 -21.19
CA ARG B 346 -21.77 -24.24 -20.10
C ARG B 346 -20.42 -24.99 -20.11
N SER B 347 -19.65 -24.87 -21.19
CA SER B 347 -18.26 -25.33 -21.21
C SER B 347 -17.28 -24.31 -20.55
N VAL B 348 -17.78 -23.13 -20.18
CA VAL B 348 -16.93 -22.08 -19.54
C VAL B 348 -16.71 -22.36 -18.05
N HIS B 349 -15.47 -22.64 -17.66
CA HIS B 349 -15.16 -22.90 -16.26
C HIS B 349 -15.25 -21.62 -15.39
N ASP B 350 -14.82 -20.46 -15.92
CA ASP B 350 -14.79 -19.20 -15.13
C ASP B 350 -15.28 -17.97 -15.89
N VAL B 351 -16.19 -17.22 -15.27
CA VAL B 351 -16.63 -15.90 -15.79
C VAL B 351 -16.06 -14.81 -14.92
N VAL B 352 -15.15 -14.01 -15.48
CA VAL B 352 -14.41 -13.04 -14.69
C VAL B 352 -14.89 -11.64 -15.02
N LEU B 353 -15.34 -10.89 -14.00
CA LEU B 353 -15.81 -9.51 -14.19
C LEU B 353 -14.68 -8.54 -13.98
N VAL B 354 -14.51 -7.62 -14.94
CA VAL B 354 -13.37 -6.73 -14.99
C VAL B 354 -13.84 -5.36 -15.49
N GLY B 355 -13.17 -4.29 -15.09
CA GLY B 355 -13.61 -2.94 -15.47
C GLY B 355 -14.62 -2.35 -14.49
N GLY B 356 -14.46 -1.06 -14.18
CA GLY B 356 -15.18 -0.42 -13.08
C GLY B 356 -16.69 -0.45 -13.22
N SER B 357 -17.17 -0.47 -14.46
CA SER B 357 -18.59 -0.41 -14.74
C SER B 357 -19.28 -1.77 -14.50
N THR B 358 -18.52 -2.81 -14.21
CA THR B 358 -19.11 -4.08 -13.78
C THR B 358 -19.66 -4.02 -12.34
N ARG B 359 -19.37 -2.92 -11.64
N ARG B 359 -19.38 -2.92 -11.64
CA ARG B 359 -19.98 -2.68 -10.33
CA ARG B 359 -19.97 -2.67 -10.34
C ARG B 359 -21.48 -2.42 -10.45
C ARG B 359 -21.48 -2.41 -10.44
N ILE B 360 -21.95 -2.08 -11.64
CA ILE B 360 -23.36 -1.79 -11.88
C ILE B 360 -24.25 -3.03 -11.68
N PRO B 361 -25.11 -3.00 -10.65
CA PRO B 361 -25.96 -4.17 -10.34
C PRO B 361 -26.71 -4.73 -11.55
N LYS B 362 -27.31 -3.86 -12.35
CA LYS B 362 -28.04 -4.30 -13.55
C LYS B 362 -27.15 -5.16 -14.47
N VAL B 363 -25.93 -4.69 -14.70
CA VAL B 363 -24.97 -5.44 -15.53
C VAL B 363 -24.62 -6.78 -14.87
N GLN B 364 -24.48 -6.81 -13.54
CA GLN B 364 -24.14 -8.04 -12.81
C GLN B 364 -25.24 -9.10 -12.93
N ALA B 365 -26.50 -8.68 -12.87
CA ALA B 365 -27.62 -9.62 -13.00
C ALA B 365 -27.65 -10.20 -14.40
N LEU B 366 -27.71 -9.31 -15.40
CA LEU B 366 -27.75 -9.72 -16.80
C LEU B 366 -26.68 -10.75 -17.13
N ILE B 367 -25.49 -10.57 -16.57
CA ILE B 367 -24.37 -11.48 -16.84
C ILE B 367 -24.55 -12.83 -16.13
N GLN B 368 -25.13 -12.82 -14.93
CA GLN B 368 -25.44 -14.07 -14.24
C GLN B 368 -26.65 -14.77 -14.86
N GLU B 369 -27.70 -13.99 -15.15
CA GLU B 369 -28.88 -14.53 -15.83
C GLU B 369 -28.46 -15.35 -17.04
N PHE B 370 -27.51 -14.81 -17.81
CA PHE B 370 -27.02 -15.49 -19.02
C PHE B 370 -26.29 -16.80 -18.72
N PHE B 371 -25.52 -16.84 -17.64
CA PHE B 371 -24.82 -18.07 -17.23
C PHE B 371 -25.59 -18.89 -16.17
N ASN B 372 -26.88 -18.60 -16.03
CA ASN B 372 -27.78 -19.35 -15.15
C ASN B 372 -27.28 -19.44 -13.71
N GLY B 373 -26.88 -18.31 -13.15
CA GLY B 373 -26.47 -18.22 -11.74
C GLY B 373 -25.09 -18.77 -11.41
N LYS B 374 -24.29 -19.06 -12.44
CA LYS B 374 -22.89 -19.42 -12.21
C LYS B 374 -22.24 -18.24 -11.52
N GLU B 375 -21.57 -18.50 -10.40
CA GLU B 375 -20.91 -17.43 -9.67
C GLU B 375 -19.76 -16.88 -10.50
N PRO B 376 -19.64 -15.54 -10.59
CA PRO B 376 -18.51 -14.94 -11.30
C PRO B 376 -17.30 -14.79 -10.41
N CYS B 377 -16.12 -14.76 -11.03
CA CYS B 377 -14.93 -14.25 -10.39
C CYS B 377 -15.09 -12.72 -10.34
N LYS B 378 -15.27 -12.16 -9.14
CA LYS B 378 -15.49 -10.70 -8.96
C LYS B 378 -15.02 -10.12 -7.60
N ALA B 379 -14.20 -10.87 -6.86
CA ALA B 379 -13.82 -10.48 -5.50
C ALA B 379 -12.84 -9.30 -5.51
N ILE B 380 -11.94 -9.33 -6.49
CA ILE B 380 -10.96 -8.28 -6.69
C ILE B 380 -11.67 -7.07 -7.32
N ASN B 381 -11.47 -5.87 -6.79
CA ASN B 381 -12.08 -4.68 -7.40
C ASN B 381 -11.83 -4.72 -8.90
N PRO B 382 -12.90 -4.60 -9.70
CA PRO B 382 -12.81 -4.89 -11.13
C PRO B 382 -11.93 -3.89 -11.89
N ASP B 383 -11.82 -2.67 -11.35
CA ASP B 383 -10.90 -1.68 -11.89
C ASP B 383 -9.47 -1.88 -11.40
N GLU B 384 -9.21 -2.95 -10.64
CA GLU B 384 -7.87 -3.21 -10.12
C GLU B 384 -7.32 -4.57 -10.52
N ALA B 385 -8.17 -5.43 -11.09
CA ALA B 385 -7.84 -6.82 -11.36
C ALA B 385 -6.80 -7.02 -12.43
N VAL B 386 -6.77 -6.16 -13.43
CA VAL B 386 -5.77 -6.24 -14.49
C VAL B 386 -4.38 -5.82 -13.97
N ALA B 387 -4.32 -4.72 -13.23
CA ALA B 387 -3.08 -4.33 -12.47
C ALA B 387 -2.56 -5.48 -11.61
N TYR B 388 -3.48 -6.09 -10.86
CA TYR B 388 -3.15 -7.20 -9.95
C TYR B 388 -2.48 -8.35 -10.75
N GLY B 389 -3.13 -8.78 -11.84
CA GLY B 389 -2.56 -9.84 -12.64
C GLY B 389 -1.24 -9.44 -13.25
N ALA B 390 -1.18 -8.21 -13.75
CA ALA B 390 0.06 -7.64 -14.26
C ALA B 390 1.19 -7.73 -13.23
N ALA B 391 0.88 -7.47 -11.96
CA ALA B 391 1.88 -7.52 -10.90
C ALA B 391 2.34 -8.94 -10.60
N VAL B 392 1.38 -9.86 -10.57
CA VAL B 392 1.73 -11.26 -10.40
C VAL B 392 2.70 -11.64 -11.51
N GLN B 393 2.36 -11.31 -12.75
CA GLN B 393 3.23 -11.67 -13.87
C GLN B 393 4.59 -10.96 -13.81
N ALA B 394 4.58 -9.69 -13.43
CA ALA B 394 5.83 -8.95 -13.28
C ALA B 394 6.73 -9.64 -12.26
N ALA B 395 6.17 -10.10 -11.15
CA ALA B 395 6.98 -10.75 -10.10
C ALA B 395 7.62 -12.04 -10.60
N ILE B 396 6.83 -12.86 -11.29
CA ILE B 396 7.36 -14.06 -11.95
C ILE B 396 8.50 -13.71 -12.91
N LEU B 397 8.25 -12.78 -13.80
CA LEU B 397 9.25 -12.42 -14.79
C LEU B 397 10.51 -11.82 -14.17
N ASN B 398 10.35 -11.14 -13.03
CA ASN B 398 11.45 -10.47 -12.35
C ASN B 398 12.29 -11.45 -11.57
N GLY B 399 11.72 -12.62 -11.26
CA GLY B 399 12.36 -13.64 -10.44
C GLY B 399 11.95 -13.65 -8.97
N GLU B 400 10.76 -13.11 -8.67
CA GLU B 400 10.27 -13.05 -7.28
C GLU B 400 9.40 -14.26 -6.91
PB ADP C . 10.14 -1.90 18.38
O1B ADP C . 10.94 -3.17 18.22
O2B ADP C . 9.07 -2.00 19.45
O3B ADP C . 10.97 -0.62 18.55
PA ADP C . 8.87 -0.36 16.23
O1A ADP C . 9.70 -0.30 14.97
O2A ADP C . 8.91 0.83 17.17
O3A ADP C . 9.17 -1.71 17.07
O5' ADP C . 7.33 -0.56 15.83
C5' ADP C . 6.89 -1.52 14.88
C4' ADP C . 5.37 -1.46 14.81
O4' ADP C . 4.97 -0.20 14.23
C3' ADP C . 4.74 -2.57 13.95
O3' ADP C . 3.66 -3.21 14.61
C2' ADP C . 4.14 -1.80 12.81
O2' ADP C . 2.99 -2.42 12.27
C1' ADP C . 3.80 -0.47 13.48
N9 ADP C . 3.63 0.56 12.46
C8 ADP C . 4.60 1.03 11.65
N7 ADP C . 4.09 1.97 10.81
C5 ADP C . 2.76 2.08 11.11
C6 ADP C . 1.62 2.88 10.60
N6 ADP C . 1.85 3.74 9.59
N1 ADP C . 0.39 2.73 11.15
C2 ADP C . 0.20 1.85 12.14
N3 ADP C . 1.20 1.08 12.64
C4 ADP C . 2.46 1.16 12.18
P PO4 D . 11.64 -2.03 22.56
O1 PO4 D . 10.74 -0.89 22.14
O2 PO4 D . 10.81 -3.29 22.67
O3 PO4 D . 12.72 -2.27 21.55
O4 PO4 D . 12.19 -1.68 23.94
C1 EDO E . 6.30 -3.46 30.30
O1 EDO E . 6.89 -3.19 28.95
C2 EDO E . 7.25 -3.45 31.49
O2 EDO E . 7.20 -2.13 32.08
PB ADP F . -10.68 1.89 -17.89
O1B ADP F . -10.31 0.46 -17.70
O2B ADP F . -9.58 2.87 -18.21
O3B ADP F . -11.87 2.06 -18.79
PA ADP F . -11.79 1.49 -15.29
O1A ADP F . -11.27 1.98 -13.96
O2A ADP F . -11.68 0.04 -15.63
O3A ADP F . -11.21 2.41 -16.47
O5' ADP F . -13.29 1.92 -15.33
C5' ADP F . -13.64 3.26 -15.04
C4' ADP F . -15.14 3.29 -15.06
O4' ADP F . -15.69 2.54 -13.97
C3' ADP F . -15.64 4.72 -14.91
O3' ADP F . -16.51 5.00 -15.98
C2' ADP F . -16.35 4.72 -13.59
O2' ADP F . -17.43 5.64 -13.61
C1' ADP F . -16.78 3.27 -13.44
N9 ADP F . -17.04 2.99 -12.01
C8 ADP F . -16.15 2.99 -11.02
N7 ADP F . -16.73 2.71 -9.82
C5 ADP F . -18.04 2.58 -10.04
C6 ADP F . -19.25 2.30 -9.22
N6 ADP F . -19.15 2.11 -7.88
N1 ADP F . -20.43 2.22 -9.86
C2 ADP F . -20.55 2.40 -11.20
N3 ADP F . -19.50 2.66 -12.00
C4 ADP F . -18.25 2.75 -11.49
P PO4 G . -9.35 -0.55 -21.77
O1 PO4 G . -10.15 0.40 -22.63
O2 PO4 G . -10.26 -1.30 -20.82
O3 PO4 G . -8.63 -1.58 -22.60
O4 PO4 G . -8.36 0.27 -20.97
CL CL H . -0.88 11.69 -7.55
C1 EDO I . -9.57 1.87 -27.22
O1 EDO I . -8.83 2.57 -26.20
C2 EDO I . -8.61 1.24 -28.22
O2 EDO I . -9.31 0.24 -28.98
#